data_2ZVK
#
_entry.id   2ZVK
#
_cell.length_a   82.027
_cell.length_b   82.027
_cell.length_c   310.443
_cell.angle_alpha   90.00
_cell.angle_beta   90.00
_cell.angle_gamma   90.00
#
_symmetry.space_group_name_H-M   'P 43 21 2'
#
loop_
_entity.id
_entity.type
_entity.pdbx_description
1 polymer 'Proliferating cell nuclear antigen'
2 polymer 'DNA polymerase eta'
3 water water
#
loop_
_entity_poly.entity_id
_entity_poly.type
_entity_poly.pdbx_seq_one_letter_code
_entity_poly.pdbx_strand_id
1 'polypeptide(L)'
;MFEARLVQGSILKKVLEALKDLINEACWDISSSGVNLQSMDSSHVSLVQLTLRSEGFDTYRCDRNLAMGVNLTSMSKILK
CAGNEDIITLRAEDNADTLALVFEAPNQEKVSDYEMKLMDLDVEQLGIPEQEYSCVVKMPSGEFARICRDLSHIGDAVVI
SCAKDGVKFSASGELGNGNIKLSQTSNVDKEEEAVTIEMNEPVQLTFALRYLNFFTKATPLSSTVTLSMSADVPLVVEYK
IADMGHLKYYLAPKIEDEEGS
;
A,B,C
2 'polypeptide(L)' CKRPRPEGMQTLESFFKPLTH U,V,W
#
# COMPACT_ATOMS: atom_id res chain seq x y z
N MET A 1 -1.43 41.92 -10.85
CA MET A 1 -0.58 40.96 -11.57
C MET A 1 0.48 40.35 -10.68
N PHE A 2 0.52 39.03 -10.64
CA PHE A 2 1.47 38.30 -9.78
C PHE A 2 2.10 37.20 -10.62
N GLU A 3 3.43 37.07 -10.59
CA GLU A 3 4.07 35.91 -11.15
C GLU A 3 5.15 35.44 -10.21
N ALA A 4 5.28 34.13 -10.00
CA ALA A 4 6.25 33.64 -9.04
C ALA A 4 6.77 32.25 -9.40
N ARG A 5 8.08 32.16 -9.59
CA ARG A 5 8.70 30.95 -10.08
C ARG A 5 9.49 30.27 -8.96
N LEU A 6 9.40 28.95 -8.90
CA LEU A 6 10.00 28.19 -7.81
C LEU A 6 10.87 27.06 -8.35
N VAL A 7 12.18 27.09 -8.09
CA VAL A 7 13.03 26.03 -8.61
C VAL A 7 12.73 24.72 -7.91
N GLN A 8 12.41 24.79 -6.61
CA GLN A 8 12.10 23.60 -5.86
C GLN A 8 10.62 23.39 -5.71
N GLY A 9 9.92 23.21 -6.81
CA GLY A 9 8.46 23.03 -6.76
C GLY A 9 8.05 21.86 -5.88
N SER A 10 9.00 20.96 -5.68
CA SER A 10 8.91 19.95 -4.68
C SER A 10 8.04 20.43 -3.47
N ILE A 11 8.31 21.65 -3.05
CA ILE A 11 7.76 22.21 -1.86
C ILE A 11 6.29 22.55 -1.89
N LEU A 12 5.91 23.27 -2.92
CA LEU A 12 4.52 23.59 -3.16
C LEU A 12 3.67 22.33 -3.09
N LYS A 13 4.07 21.33 -3.86
CA LYS A 13 3.47 20.03 -3.82
C LYS A 13 3.21 19.66 -2.39
N LYS A 14 4.23 19.64 -1.55
CA LYS A 14 4.09 19.25 -0.13
C LYS A 14 3.25 20.24 0.73
N VAL A 15 3.39 21.52 0.47
CA VAL A 15 2.59 22.49 1.16
C VAL A 15 1.16 22.11 0.93
N LEU A 16 0.81 21.85 -0.30
CA LEU A 16 -0.57 21.63 -0.55
C LEU A 16 -1.05 20.33 0.06
N GLU A 17 -0.15 19.35 0.19
CA GLU A 17 -0.49 18.06 0.81
C GLU A 17 -0.77 18.31 2.27
N ALA A 18 0.08 19.10 2.90
CA ALA A 18 -0.19 19.56 4.24
C ALA A 18 -1.59 20.17 4.36
N LEU A 19 -1.85 21.22 3.57
CA LEU A 19 -3.04 22.06 3.79
C LEU A 19 -4.32 21.32 3.47
N LYS A 20 -4.22 20.31 2.65
CA LYS A 20 -5.37 19.79 1.94
C LYS A 20 -6.31 18.86 2.70
N ASP A 21 -5.77 17.92 3.48
CA ASP A 21 -6.64 17.13 4.31
C ASP A 21 -7.17 17.94 5.47
N LEU A 22 -6.78 19.20 5.65
CA LEU A 22 -7.25 20.03 6.83
C LEU A 22 -8.30 21.03 6.48
N ILE A 23 -8.07 21.77 5.40
CA ILE A 23 -9.01 22.78 4.90
C ILE A 23 -9.18 22.57 3.40
N ASN A 24 -10.42 22.76 2.90
CA ASN A 24 -10.74 22.62 1.46
C ASN A 24 -10.75 23.91 0.68
N GLU A 25 -11.02 25.02 1.32
CA GLU A 25 -10.96 26.28 0.62
C GLU A 25 -10.19 27.20 1.49
N ALA A 26 -9.51 28.12 0.85
CA ALA A 26 -8.79 29.09 1.61
C ALA A 26 -8.53 30.28 0.72
N CYS A 27 -7.79 31.24 1.27
CA CYS A 27 -7.55 32.49 0.58
C CYS A 27 -6.08 32.86 0.59
N TRP A 28 -5.48 32.86 -0.60
CA TRP A 28 -4.08 33.18 -0.71
C TRP A 28 -3.80 34.71 -0.81
N ASP A 29 -3.09 35.22 0.20
CA ASP A 29 -2.67 36.61 0.21
C ASP A 29 -1.34 36.79 -0.43
N ILE A 30 -1.36 37.53 -1.52
CA ILE A 30 -0.18 37.70 -2.29
C ILE A 30 0.26 39.15 -2.21
N SER A 31 1.50 39.36 -1.81
CA SER A 31 2.03 40.69 -1.75
C SER A 31 3.45 40.61 -2.26
N SER A 32 4.22 41.65 -2.02
CA SER A 32 5.56 41.72 -2.55
C SER A 32 6.53 41.28 -1.49
N SER A 33 5.98 41.00 -0.31
CA SER A 33 6.79 40.41 0.75
C SER A 33 6.64 38.88 0.60
N GLY A 34 5.50 38.46 0.06
CA GLY A 34 5.35 37.11 -0.45
C GLY A 34 3.93 36.57 -0.55
N VAL A 35 3.81 35.30 -0.17
CA VAL A 35 2.55 34.56 -0.24
C VAL A 35 2.15 34.09 1.17
N ASN A 36 0.99 34.49 1.61
CA ASN A 36 0.58 34.23 2.97
C ASN A 36 -0.76 33.61 2.95
N LEU A 37 -0.96 32.63 3.79
CA LEU A 37 -2.29 32.09 3.91
C LEU A 37 -2.62 31.86 5.38
N GLN A 38 -3.82 32.31 5.77
CA GLN A 38 -4.35 32.00 7.09
C GLN A 38 -5.71 31.35 6.92
N SER A 39 -5.91 30.19 7.54
CA SER A 39 -7.22 29.59 7.50
C SER A 39 -7.58 28.76 8.73
N MET A 40 -8.84 28.82 9.16
CA MET A 40 -9.27 27.85 10.19
C MET A 40 -9.89 26.64 9.46
N ASP A 41 -10.04 25.50 10.10
CA ASP A 41 -10.72 24.40 9.46
C ASP A 41 -12.16 24.67 9.69
N SER A 42 -13.04 23.78 9.21
CA SER A 42 -14.50 24.09 9.18
C SER A 42 -15.12 24.04 10.54
N SER A 43 -14.38 23.57 11.55
CA SER A 43 -14.91 23.54 12.94
C SER A 43 -14.41 24.72 13.77
N HIS A 44 -13.46 25.49 13.25
CA HIS A 44 -12.93 26.67 13.97
C HIS A 44 -12.22 26.29 15.23
N VAL A 45 -11.48 25.21 15.10
CA VAL A 45 -10.90 24.61 16.26
C VAL A 45 -9.44 24.50 16.03
N SER A 46 -9.07 24.43 14.76
CA SER A 46 -7.69 24.57 14.36
C SER A 46 -7.62 25.59 13.25
N LEU A 47 -6.41 25.92 12.87
CA LEU A 47 -6.14 27.03 12.01
C LEU A 47 -4.74 26.77 11.49
N VAL A 48 -4.46 27.22 10.28
CA VAL A 48 -3.18 27.00 9.67
C VAL A 48 -2.64 28.31 9.08
N GLN A 49 -1.35 28.55 9.22
CA GLN A 49 -0.82 29.79 8.76
C GLN A 49 0.45 29.59 7.95
N LEU A 50 0.39 30.04 6.69
CA LEU A 50 1.40 29.69 5.70
C LEU A 50 2.15 30.91 5.26
N THR A 51 3.47 30.80 5.28
CA THR A 51 4.24 31.88 4.72
C THR A 51 5.48 31.49 3.88
N LEU A 52 5.43 31.99 2.64
CA LEU A 52 6.38 31.71 1.60
C LEU A 52 6.88 33.09 1.13
N ARG A 53 8.02 33.45 1.70
CA ARG A 53 8.56 34.77 1.57
C ARG A 53 9.03 34.99 0.15
N SER A 54 8.82 36.21 -0.34
CA SER A 54 9.22 36.59 -1.70
C SER A 54 10.67 36.23 -1.99
N GLU A 55 11.55 36.54 -1.04
CA GLU A 55 12.99 36.39 -1.22
C GLU A 55 13.43 34.94 -1.47
N GLY A 56 12.50 34.00 -1.36
CA GLY A 56 12.78 32.58 -1.58
C GLY A 56 12.35 32.05 -2.95
N PHE A 57 11.49 32.80 -3.65
CA PHE A 57 11.08 32.46 -5.03
C PHE A 57 12.13 32.89 -6.00
N ASP A 58 12.64 31.93 -6.74
CA ASP A 58 13.75 32.17 -7.63
C ASP A 58 13.45 33.28 -8.64
N THR A 59 12.19 33.71 -8.70
CA THR A 59 11.71 34.91 -9.44
C THR A 59 10.46 35.46 -8.78
N TYR A 60 10.45 36.69 -8.33
CA TYR A 60 9.21 37.17 -7.73
C TYR A 60 8.77 38.52 -8.26
N ARG A 61 7.49 38.59 -8.59
CA ARG A 61 6.88 39.84 -8.99
C ARG A 61 5.41 39.84 -8.58
N CYS A 62 5.12 40.56 -7.50
CA CYS A 62 3.77 41.04 -7.24
C CYS A 62 3.69 42.53 -7.58
N ASP A 63 2.76 42.80 -8.48
CA ASP A 63 2.56 44.07 -9.14
C ASP A 63 1.62 44.92 -8.28
N ARG A 64 0.42 44.42 -8.00
CA ARG A 64 -0.48 44.95 -6.97
C ARG A 64 -0.90 43.79 -6.07
N ASN A 65 -1.45 44.12 -4.91
CA ASN A 65 -1.85 43.11 -3.92
C ASN A 65 -3.14 42.41 -4.30
N LEU A 66 -3.30 41.21 -3.77
CA LEU A 66 -4.07 40.21 -4.46
C LEU A 66 -4.50 39.11 -3.50
N ALA A 67 -5.81 38.92 -3.37
CA ALA A 67 -6.34 37.82 -2.56
C ALA A 67 -7.03 36.80 -3.46
N MET A 68 -6.44 35.62 -3.63
CA MET A 68 -7.01 34.64 -4.54
C MET A 68 -7.80 33.57 -3.84
N GLY A 69 -9.12 33.58 -3.98
CA GLY A 69 -9.98 32.54 -3.35
C GLY A 69 -9.84 31.15 -3.95
N VAL A 70 -9.22 30.24 -3.21
CA VAL A 70 -8.85 28.90 -3.73
C VAL A 70 -9.44 27.62 -3.04
N ASN A 71 -10.18 26.77 -3.80
CA ASN A 71 -10.40 25.33 -3.49
C ASN A 71 -9.09 24.57 -3.40
N LEU A 72 -8.57 24.39 -2.20
CA LEU A 72 -7.32 23.63 -2.00
C LEU A 72 -7.39 22.23 -2.54
N THR A 73 -8.59 21.66 -2.56
CA THR A 73 -8.78 20.31 -3.03
C THR A 73 -8.43 20.28 -4.50
N SER A 74 -9.02 21.19 -5.26
CA SER A 74 -8.72 21.28 -6.67
C SER A 74 -7.23 21.48 -6.90
N MET A 75 -6.73 22.53 -6.29
CA MET A 75 -5.32 22.84 -6.34
C MET A 75 -4.44 21.62 -6.01
N SER A 76 -4.92 20.73 -5.16
CA SER A 76 -4.10 19.62 -4.69
C SER A 76 -3.94 18.56 -5.78
N LYS A 77 -5.02 18.32 -6.51
CA LYS A 77 -4.99 17.47 -7.68
C LYS A 77 -4.17 18.07 -8.80
N ILE A 78 -3.78 19.33 -8.68
CA ILE A 78 -3.02 19.91 -9.77
C ILE A 78 -1.57 19.80 -9.43
N LEU A 79 -1.24 20.14 -8.19
CA LEU A 79 0.15 20.06 -7.73
C LEU A 79 0.62 18.61 -7.65
N LYS A 80 -0.31 17.67 -7.78
CA LYS A 80 0.02 16.24 -7.71
C LYS A 80 0.51 15.82 -9.08
N CYS A 81 0.13 16.62 -10.07
CA CYS A 81 0.55 16.44 -11.43
C CYS A 81 1.89 17.05 -11.72
N ALA A 82 2.47 17.70 -10.73
CA ALA A 82 3.76 18.29 -10.93
C ALA A 82 4.68 17.15 -10.72
N GLY A 83 5.75 17.09 -11.49
CA GLY A 83 6.78 16.09 -11.24
C GLY A 83 7.50 16.65 -10.04
N ASN A 84 8.25 15.82 -9.32
CA ASN A 84 8.95 16.27 -8.13
C ASN A 84 10.14 17.24 -8.40
N GLU A 85 10.82 17.04 -9.53
CA GLU A 85 11.93 17.90 -9.93
C GLU A 85 11.49 19.12 -10.76
N ASP A 86 10.18 19.40 -10.77
CA ASP A 86 9.64 20.43 -11.65
C ASP A 86 9.70 21.85 -11.08
N ILE A 87 9.97 22.79 -11.98
CA ILE A 87 10.00 24.20 -11.69
C ILE A 87 8.61 24.83 -11.82
N ILE A 88 8.09 25.31 -10.71
CA ILE A 88 6.71 25.68 -10.67
C ILE A 88 6.60 27.18 -10.65
N THR A 89 5.87 27.72 -11.60
CA THR A 89 5.69 29.13 -11.72
C THR A 89 4.27 29.36 -11.43
N LEU A 90 3.94 30.44 -10.73
CA LEU A 90 2.53 30.79 -10.56
C LEU A 90 2.26 32.07 -11.33
N ARG A 91 1.02 32.38 -11.64
CA ARG A 91 0.74 33.61 -12.37
C ARG A 91 -0.74 33.91 -12.33
N ALA A 92 -1.07 35.19 -12.19
CA ALA A 92 -2.46 35.61 -11.95
C ALA A 92 -2.76 37.01 -12.49
N GLU A 93 -3.58 37.09 -13.53
CA GLU A 93 -3.94 38.36 -14.11
C GLU A 93 -4.51 39.07 -12.97
N ASP A 94 -4.22 40.35 -12.85
CA ASP A 94 -4.45 41.01 -11.59
C ASP A 94 -5.92 41.15 -11.19
N ASN A 95 -6.61 40.02 -11.24
CA ASN A 95 -7.98 39.85 -10.82
C ASN A 95 -8.57 38.58 -11.39
N ALA A 96 -8.99 38.67 -12.64
CA ALA A 96 -9.79 37.63 -13.30
C ALA A 96 -9.87 36.31 -12.54
N ASP A 97 -11.07 35.71 -12.53
CA ASP A 97 -11.33 34.57 -11.66
C ASP A 97 -10.59 33.32 -12.11
N THR A 98 -9.26 33.42 -12.15
CA THR A 98 -8.47 32.33 -12.69
C THR A 98 -6.96 32.40 -12.32
N LEU A 99 -6.43 31.41 -11.57
CA LEU A 99 -4.99 31.29 -11.31
C LEU A 99 -4.35 30.22 -12.18
N ALA A 100 -3.17 30.56 -12.72
CA ALA A 100 -2.42 29.73 -13.65
C ALA A 100 -1.18 29.09 -12.99
N LEU A 101 -0.84 27.89 -13.44
CA LEU A 101 0.18 27.06 -12.80
C LEU A 101 1.05 26.37 -13.83
N VAL A 102 2.33 26.71 -13.87
CA VAL A 102 3.18 26.07 -14.83
C VAL A 102 4.20 25.16 -14.20
N PHE A 103 4.33 23.99 -14.81
CA PHE A 103 5.30 23.01 -14.41
C PHE A 103 6.27 22.82 -15.54
N GLU A 104 7.48 23.32 -15.38
CA GLU A 104 8.51 23.11 -16.40
C GLU A 104 9.20 21.88 -15.88
N ALA A 105 10.32 21.46 -16.43
CA ALA A 105 10.86 20.17 -15.99
C ALA A 105 12.38 20.14 -15.97
N PRO A 106 13.00 18.96 -16.18
CA PRO A 106 14.46 18.88 -16.16
C PRO A 106 15.02 19.44 -17.46
N ASN A 107 15.32 18.55 -18.39
CA ASN A 107 15.66 18.94 -19.71
C ASN A 107 14.38 19.50 -20.28
N GLN A 108 14.36 20.80 -20.46
CA GLN A 108 13.20 21.55 -20.92
C GLN A 108 12.33 20.91 -21.97
N GLU A 109 11.76 19.76 -21.70
CA GLU A 109 11.12 19.02 -22.73
C GLU A 109 9.61 18.97 -22.59
N LYS A 110 9.15 18.79 -21.37
CA LYS A 110 7.73 18.72 -21.08
C LYS A 110 7.30 19.96 -20.31
N VAL A 111 6.16 20.52 -20.69
CA VAL A 111 5.64 21.72 -20.08
C VAL A 111 4.16 21.58 -19.84
N SER A 112 3.76 21.74 -18.61
CA SER A 112 2.39 21.49 -18.25
C SER A 112 1.70 22.80 -17.83
N ASP A 113 0.57 23.10 -18.44
CA ASP A 113 -0.23 24.24 -18.06
C ASP A 113 -1.57 23.83 -17.42
N TYR A 114 -1.87 24.36 -16.25
CA TYR A 114 -3.19 24.16 -15.63
C TYR A 114 -3.74 25.50 -15.19
N GLU A 115 -5.03 25.70 -15.38
CA GLU A 115 -5.62 26.96 -15.07
C GLU A 115 -6.66 26.52 -14.10
N MET A 116 -6.68 27.05 -12.88
CA MET A 116 -7.84 26.76 -12.07
C MET A 116 -8.65 28.01 -11.84
N LYS A 117 -9.95 27.88 -11.94
CA LYS A 117 -10.83 28.96 -11.62
C LYS A 117 -10.65 29.30 -10.19
N LEU A 118 -11.14 30.45 -9.77
CA LEU A 118 -11.07 30.80 -8.37
C LEU A 118 -12.43 31.35 -8.01
N MET A 119 -12.54 31.86 -6.80
CA MET A 119 -13.79 31.90 -6.07
C MET A 119 -13.92 33.15 -5.18
N ASP A 120 -14.97 33.95 -5.37
CA ASP A 120 -15.33 34.97 -4.39
C ASP A 120 -15.41 34.18 -3.09
N LEU A 121 -14.46 34.40 -2.20
CA LEU A 121 -14.44 33.72 -0.91
C LEU A 121 -14.45 34.74 0.23
N ASP A 122 -15.47 34.69 1.09
CA ASP A 122 -15.68 35.75 2.13
C ASP A 122 -15.09 35.37 3.51
N VAL A 123 -13.98 34.67 3.48
CA VAL A 123 -13.53 33.96 4.62
C VAL A 123 -12.96 34.89 5.72
N GLU A 124 -12.80 34.33 6.92
CA GLU A 124 -12.69 35.03 8.20
C GLU A 124 -11.31 34.87 8.82
N GLN A 125 -10.63 36.00 8.97
CA GLN A 125 -9.26 36.07 9.46
C GLN A 125 -9.26 36.44 10.91
N LEU A 126 -8.36 35.87 11.66
CA LEU A 126 -8.22 36.20 13.06
C LEU A 126 -6.91 36.95 13.30
N GLY A 127 -6.84 37.72 14.35
CA GLY A 127 -5.59 38.33 14.71
C GLY A 127 -4.94 37.62 15.84
N ILE A 128 -3.82 36.96 15.57
CA ILE A 128 -3.08 36.26 16.61
C ILE A 128 -2.01 37.18 17.22
N PRO A 129 -2.11 37.46 18.53
CA PRO A 129 -1.20 38.49 19.02
C PRO A 129 0.23 38.02 19.07
N GLU A 130 1.13 38.98 19.12
CA GLU A 130 2.50 38.67 19.25
C GLU A 130 2.68 38.32 20.69
N GLN A 131 3.35 37.19 20.90
CA GLN A 131 3.61 36.64 22.24
C GLN A 131 4.67 35.57 22.21
N GLU A 132 5.17 35.22 23.39
CA GLU A 132 6.08 34.07 23.60
C GLU A 132 5.51 33.08 24.62
N TYR A 133 5.59 31.79 24.30
CA TYR A 133 4.94 30.74 25.08
C TYR A 133 5.78 30.24 26.25
N SER A 134 5.17 29.75 27.32
CA SER A 134 5.95 29.20 28.45
C SER A 134 7.02 28.13 28.05
N CYS A 135 6.67 27.23 27.14
CA CYS A 135 7.47 26.05 26.83
C CYS A 135 7.70 25.97 25.35
N VAL A 136 8.93 25.84 24.92
CA VAL A 136 9.16 25.58 23.52
C VAL A 136 9.95 24.27 23.37
N VAL A 137 9.28 23.32 22.73
CA VAL A 137 9.77 21.96 22.62
C VAL A 137 10.22 21.77 21.21
N LYS A 138 11.46 21.39 21.02
CA LYS A 138 11.87 21.17 19.68
C LYS A 138 12.08 19.67 19.61
N MET A 139 11.48 19.02 18.61
CA MET A 139 11.84 17.64 18.32
C MET A 139 11.87 17.27 16.83
N PRO A 140 12.52 16.13 16.51
CA PRO A 140 12.58 15.65 15.15
C PRO A 140 11.17 15.39 14.69
N SER A 141 10.78 15.95 13.55
CA SER A 141 9.41 15.99 13.16
C SER A 141 8.80 14.58 13.00
N GLY A 142 9.58 13.69 12.42
CA GLY A 142 9.28 12.26 12.42
C GLY A 142 8.91 11.67 13.76
N GLU A 143 9.77 11.87 14.76
CA GLU A 143 9.48 11.42 16.12
C GLU A 143 8.13 11.93 16.63
N PHE A 144 7.71 13.11 16.18
CA PHE A 144 6.48 13.66 16.68
C PHE A 144 5.28 13.03 15.94
N ALA A 145 5.40 12.83 14.64
CA ALA A 145 4.32 12.24 13.87
C ALA A 145 3.90 10.84 14.37
N ARG A 146 4.89 10.00 14.67
CA ARG A 146 4.68 8.62 15.06
C ARG A 146 4.17 8.60 16.50
N ILE A 147 4.55 9.63 17.21
CA ILE A 147 4.06 9.73 18.55
C ILE A 147 2.55 9.88 18.50
N CYS A 148 2.05 10.70 17.56
CA CYS A 148 0.64 11.07 17.56
C CYS A 148 -0.17 9.92 16.97
N ARG A 149 0.46 9.17 16.08
CA ARG A 149 -0.14 7.98 15.50
C ARG A 149 -0.23 6.88 16.56
N ASP A 150 0.87 6.65 17.27
CA ASP A 150 0.87 5.67 18.32
C ASP A 150 -0.22 6.00 19.32
N LEU A 151 -0.18 7.16 19.90
CA LEU A 151 -1.05 7.37 21.02
C LEU A 151 -2.48 7.41 20.50
N SER A 152 -2.61 7.70 19.23
CA SER A 152 -3.93 7.85 18.69
C SER A 152 -4.59 6.48 18.55
N HIS A 153 -3.86 5.40 18.76
CA HIS A 153 -4.52 4.08 18.79
C HIS A 153 -5.05 3.73 20.15
N ILE A 154 -4.78 4.59 21.12
CA ILE A 154 -5.01 4.23 22.48
C ILE A 154 -6.13 5.06 22.93
N GLY A 155 -6.11 6.27 22.44
CA GLY A 155 -7.07 7.26 22.86
C GLY A 155 -7.17 8.31 21.76
N ASP A 156 -7.97 9.33 22.00
CA ASP A 156 -8.22 10.28 20.95
C ASP A 156 -7.85 11.71 21.35
N ALA A 157 -7.31 11.84 22.55
CA ALA A 157 -6.83 13.12 23.07
C ALA A 157 -5.49 12.90 23.75
N VAL A 158 -4.60 13.85 23.59
CA VAL A 158 -3.31 13.65 24.13
C VAL A 158 -3.00 14.67 25.21
N VAL A 159 -2.33 14.23 26.25
CA VAL A 159 -1.98 15.13 27.33
C VAL A 159 -0.51 15.42 27.25
N ILE A 160 -0.17 16.65 26.89
CA ILE A 160 1.22 17.00 26.71
C ILE A 160 1.73 17.63 28.01
N SER A 161 2.81 17.12 28.59
CA SER A 161 3.29 17.69 29.88
C SER A 161 4.72 18.10 29.80
N CYS A 162 4.95 19.40 29.92
CA CYS A 162 6.29 19.91 29.84
C CYS A 162 6.97 20.13 31.22
N ALA A 163 8.28 19.91 31.23
CA ALA A 163 9.12 19.99 32.45
C ALA A 163 10.59 20.37 32.10
N LYS A 164 11.35 20.86 33.08
CA LYS A 164 12.73 21.30 32.83
C LYS A 164 13.44 20.37 31.84
N ASP A 165 13.61 19.11 32.23
CA ASP A 165 14.47 18.18 31.49
C ASP A 165 13.76 17.19 30.58
N GLY A 166 12.44 17.31 30.44
CA GLY A 166 11.70 16.40 29.57
C GLY A 166 10.24 16.76 29.29
N VAL A 167 9.68 16.14 28.27
CA VAL A 167 8.28 16.31 27.89
C VAL A 167 7.59 14.97 27.88
N LYS A 168 6.33 14.94 28.27
CA LYS A 168 5.57 13.71 28.29
C LYS A 168 4.25 13.80 27.50
N PHE A 169 3.91 12.64 26.91
CA PHE A 169 2.69 12.42 26.12
C PHE A 169 1.82 11.23 26.62
N SER A 170 0.54 11.49 26.84
CA SER A 170 -0.33 10.51 27.46
C SER A 170 -1.71 10.48 26.88
N ALA A 171 -2.25 9.27 26.81
CA ALA A 171 -3.59 9.09 26.27
C ALA A 171 -4.12 7.90 26.99
N SER A 172 -5.40 7.63 26.81
CA SER A 172 -6.00 6.48 27.42
C SER A 172 -7.34 6.26 26.82
N GLY A 173 -7.79 5.01 26.75
CA GLY A 173 -9.09 4.71 26.16
C GLY A 173 -9.56 3.38 26.66
N GLU A 174 -10.54 2.80 25.96
CA GLU A 174 -11.19 1.56 26.42
C GLU A 174 -10.27 0.35 26.31
N LEU A 175 -9.03 0.60 25.89
CA LEU A 175 -8.02 -0.42 25.73
C LEU A 175 -7.01 -0.45 26.85
N GLY A 176 -6.80 0.71 27.47
CA GLY A 176 -5.84 0.86 28.56
C GLY A 176 -5.31 2.27 28.40
N ASN A 177 -4.12 2.52 28.92
CA ASN A 177 -3.48 3.79 28.69
C ASN A 177 -2.02 3.68 28.34
N GLY A 178 -1.46 4.80 27.93
CA GLY A 178 -0.10 4.82 27.49
C GLY A 178 0.51 6.21 27.52
N ASN A 179 1.82 6.20 27.53
CA ASN A 179 2.54 7.27 28.06
C ASN A 179 3.87 7.24 27.33
N ILE A 180 4.24 8.35 26.72
CA ILE A 180 5.55 8.45 26.08
C ILE A 180 6.31 9.64 26.60
N LYS A 181 7.51 9.36 27.07
CA LYS A 181 8.35 10.28 27.81
C LYS A 181 9.63 10.44 27.02
N LEU A 182 9.88 11.65 26.54
CA LEU A 182 11.15 11.98 25.88
C LEU A 182 11.88 12.92 26.78
N SER A 183 13.19 13.00 26.61
CA SER A 183 13.99 13.72 27.56
C SER A 183 15.21 14.31 26.88
N GLN A 184 15.41 15.60 27.08
CA GLN A 184 16.58 16.33 26.61
C GLN A 184 17.75 15.56 25.92
N THR A 185 17.89 15.81 24.60
CA THR A 185 18.98 15.35 23.68
C THR A 185 20.25 16.20 23.78
N VAL A 195 16.11 16.37 20.63
CA VAL A 195 14.90 16.77 21.35
C VAL A 195 15.15 17.81 22.44
N THR A 196 14.80 19.06 22.15
CA THR A 196 15.23 20.23 22.93
C THR A 196 14.08 20.98 23.57
N ILE A 197 14.30 21.53 24.75
CA ILE A 197 13.29 22.32 25.43
C ILE A 197 13.88 23.66 25.83
N GLU A 198 12.99 24.64 25.89
CA GLU A 198 13.23 25.96 26.39
C GLU A 198 11.98 26.28 27.14
N MET A 199 12.08 26.63 28.41
CA MET A 199 10.90 26.77 29.28
C MET A 199 10.91 27.87 30.39
N ASN A 200 9.95 28.80 30.42
CA ASN A 200 9.73 29.67 31.60
C ASN A 200 9.00 28.94 32.71
N GLU A 201 7.73 28.64 32.48
CA GLU A 201 6.92 27.87 33.44
C GLU A 201 6.49 26.61 32.73
N PRO A 202 6.30 25.51 33.45
CA PRO A 202 6.06 24.28 32.72
C PRO A 202 4.61 24.17 32.41
N VAL A 203 4.24 23.29 31.51
CA VAL A 203 2.89 23.30 31.02
C VAL A 203 2.26 21.91 30.91
N GLN A 204 0.94 21.89 30.90
CA GLN A 204 0.18 20.67 30.73
C GLN A 204 -1.17 20.85 30.08
N LEU A 205 -1.31 20.58 28.79
CA LEU A 205 -2.61 20.72 28.18
C LEU A 205 -2.96 19.43 27.48
N THR A 206 -4.24 19.29 27.17
CA THR A 206 -4.75 18.20 26.35
C THR A 206 -5.18 18.66 24.95
N PHE A 207 -4.80 17.91 23.92
CA PHE A 207 -5.23 18.23 22.60
C PHE A 207 -5.75 17.01 21.88
N ALA A 208 -6.55 17.27 20.85
CA ALA A 208 -7.27 16.25 20.12
C ALA A 208 -6.42 15.72 18.99
N LEU A 209 -6.25 14.41 18.94
CA LEU A 209 -5.28 13.84 18.08
C LEU A 209 -5.73 13.94 16.60
N ARG A 210 -7.03 13.80 16.35
CA ARG A 210 -7.56 13.97 15.01
C ARG A 210 -6.92 15.16 14.29
N TYR A 211 -6.75 16.27 15.01
CA TYR A 211 -6.17 17.49 14.42
C TYR A 211 -4.60 17.46 14.36
N LEU A 212 -3.99 16.97 15.43
CA LEU A 212 -2.57 16.76 15.46
C LEU A 212 -2.18 15.90 14.27
N ASN A 213 -3.05 14.95 13.97
CA ASN A 213 -2.67 13.96 13.02
C ASN A 213 -2.91 14.46 11.66
N PHE A 214 -3.58 15.60 11.55
CA PHE A 214 -3.57 16.29 10.26
C PHE A 214 -2.33 17.16 10.17
N PHE A 215 -1.88 17.70 11.29
CA PHE A 215 -0.74 18.58 11.29
C PHE A 215 0.48 17.83 10.80
N THR A 216 0.68 16.60 11.25
CA THR A 216 1.92 15.94 10.88
C THR A 216 1.99 15.64 9.41
N LYS A 217 0.91 15.92 8.69
CA LYS A 217 0.94 15.76 7.26
C LYS A 217 1.98 16.74 6.69
N ALA A 218 2.42 17.70 7.48
CA ALA A 218 3.39 18.67 6.95
C ALA A 218 4.76 18.09 7.02
N THR A 219 4.87 16.91 7.61
CA THR A 219 6.13 16.43 8.15
C THR A 219 7.26 16.40 7.13
N PRO A 220 6.93 16.20 5.85
CA PRO A 220 8.00 16.14 4.85
C PRO A 220 8.62 17.51 4.54
N LEU A 221 8.04 18.57 5.08
CA LEU A 221 8.57 19.91 4.86
C LEU A 221 9.77 20.20 5.71
N SER A 222 9.90 19.49 6.81
CA SER A 222 10.99 19.80 7.70
C SER A 222 11.39 18.56 8.44
N SER A 223 12.66 18.52 8.84
CA SER A 223 13.10 17.41 9.63
C SER A 223 12.93 17.72 11.11
N THR A 224 12.48 18.92 11.42
CA THR A 224 12.26 19.28 12.81
C THR A 224 10.90 19.89 12.96
N VAL A 225 10.33 19.78 14.15
CA VAL A 225 9.06 20.43 14.45
C VAL A 225 9.14 21.02 15.83
N THR A 226 8.36 22.07 16.06
CA THR A 226 8.49 22.83 17.31
C THR A 226 7.10 23.06 17.77
N LEU A 227 6.80 22.71 19.01
CA LEU A 227 5.49 22.99 19.51
C LEU A 227 5.70 24.03 20.53
N SER A 228 4.73 24.94 20.65
CA SER A 228 4.80 25.97 21.67
C SER A 228 3.56 25.94 22.51
N MET A 229 3.69 26.14 23.81
CA MET A 229 2.50 26.07 24.62
C MET A 229 2.46 27.11 25.72
N SER A 230 1.26 27.41 26.18
CA SER A 230 1.10 28.10 27.46
C SER A 230 -0.24 27.74 28.08
N ALA A 231 -0.39 28.09 29.34
CA ALA A 231 -1.57 27.68 30.03
C ALA A 231 -2.80 28.17 29.29
N ASP A 232 -3.76 27.27 29.19
CA ASP A 232 -5.07 27.60 28.69
C ASP A 232 -5.04 28.45 27.40
N VAL A 233 -4.13 28.08 26.48
CA VAL A 233 -4.10 28.73 25.14
C VAL A 233 -3.69 27.78 24.02
N PRO A 234 -3.94 28.19 22.80
CA PRO A 234 -3.81 27.17 21.79
C PRO A 234 -2.42 26.69 21.69
N LEU A 235 -2.29 25.44 21.32
CA LEU A 235 -1.00 24.97 20.94
C LEU A 235 -0.56 25.64 19.63
N VAL A 236 0.73 25.92 19.51
CA VAL A 236 1.30 26.22 18.19
C VAL A 236 2.21 25.10 17.67
N VAL A 237 1.93 24.56 16.47
CA VAL A 237 2.82 23.52 15.89
C VAL A 237 3.48 24.07 14.63
N GLU A 238 4.79 24.28 14.64
CA GLU A 238 5.42 24.93 13.47
C GLU A 238 6.38 24.09 12.62
N TYR A 239 6.34 24.25 11.31
CA TYR A 239 7.39 23.65 10.50
C TYR A 239 8.20 24.69 9.68
N LYS A 240 9.52 24.69 9.85
CA LYS A 240 10.37 25.60 9.07
C LYS A 240 10.59 25.11 7.64
N ILE A 241 10.04 25.84 6.66
CA ILE A 241 10.26 25.54 5.27
C ILE A 241 11.53 26.27 4.89
N ALA A 242 12.63 25.53 4.87
CA ALA A 242 13.98 26.09 4.86
C ALA A 242 14.07 27.26 3.94
N ASP A 243 14.92 28.20 4.32
CA ASP A 243 15.33 29.30 3.44
C ASP A 243 14.19 30.17 2.99
N MET A 244 12.98 29.92 3.47
CA MET A 244 11.78 30.36 2.74
C MET A 244 10.56 30.78 3.56
N GLY A 245 10.32 30.14 4.69
CA GLY A 245 9.15 30.47 5.50
C GLY A 245 8.71 29.28 6.30
N HIS A 246 7.42 29.16 6.59
CA HIS A 246 6.93 28.20 7.58
C HIS A 246 5.46 27.88 7.41
N LEU A 247 5.09 26.83 8.14
CA LEU A 247 3.74 26.37 8.37
C LEU A 247 3.51 26.25 9.88
N LYS A 248 2.67 27.12 10.44
CA LYS A 248 2.20 27.00 11.82
C LYS A 248 0.82 26.34 11.84
N TYR A 249 0.58 25.43 12.74
CA TYR A 249 -0.77 25.05 12.95
C TYR A 249 -1.13 25.52 14.36
N TYR A 250 -2.36 25.99 14.51
CA TYR A 250 -2.86 26.34 15.79
C TYR A 250 -3.98 25.42 16.26
N LEU A 251 -3.90 24.95 17.49
CA LEU A 251 -4.96 24.06 17.94
C LEU A 251 -5.49 24.45 19.27
N ALA A 252 -6.79 24.65 19.37
CA ALA A 252 -7.33 25.07 20.65
C ALA A 252 -7.26 23.90 21.61
N PRO A 253 -7.04 24.16 22.91
CA PRO A 253 -6.78 23.08 23.81
C PRO A 253 -8.11 22.51 24.18
N LYS A 254 -8.09 21.25 24.61
CA LYS A 254 -9.30 20.50 24.88
C LYS A 254 -9.75 20.74 26.31
N ILE A 255 -11.07 21.01 26.42
CA ILE A 255 -11.82 21.24 27.68
C ILE A 255 -12.23 22.72 27.83
N CYS B 1 -30.89 23.56 14.78
CA CYS B 1 -30.32 22.29 15.33
C CYS B 1 -29.03 22.70 15.93
N LYS B 2 -28.43 21.85 16.76
CA LYS B 2 -27.12 22.17 17.32
C LYS B 2 -26.03 22.00 16.27
N ARG B 3 -25.30 23.06 15.95
CA ARG B 3 -24.29 22.98 14.91
C ARG B 3 -23.10 22.11 15.35
N PRO B 4 -22.76 21.06 14.56
CA PRO B 4 -21.77 20.10 15.02
C PRO B 4 -20.37 20.69 15.26
N ARG B 5 -19.80 20.26 16.37
CA ARG B 5 -18.54 20.76 16.88
C ARG B 5 -17.95 19.57 17.64
N PRO B 6 -16.68 19.28 17.40
CA PRO B 6 -16.16 18.14 18.15
C PRO B 6 -16.37 18.38 19.64
N GLU B 7 -16.51 17.32 20.44
CA GLU B 7 -16.78 17.45 21.87
C GLU B 7 -15.58 17.99 22.63
N GLY B 8 -15.75 19.12 23.32
CA GLY B 8 -14.77 19.55 24.34
C GLY B 8 -13.83 20.72 24.08
N MET B 9 -14.06 21.49 23.02
CA MET B 9 -13.14 22.58 22.73
C MET B 9 -13.88 23.84 22.42
N GLN B 10 -13.13 24.92 22.40
CA GLN B 10 -13.68 26.18 22.02
C GLN B 10 -13.16 26.48 20.62
N THR B 11 -13.93 27.27 19.90
CA THR B 11 -13.44 28.03 18.76
C THR B 11 -12.15 28.75 19.03
N LEU B 12 -11.35 28.99 18.01
CA LEU B 12 -10.18 29.81 18.16
C LEU B 12 -10.59 31.27 18.35
N GLU B 13 -11.77 31.62 17.88
CA GLU B 13 -12.32 32.98 17.99
C GLU B 13 -12.41 33.39 19.45
N SER B 14 -12.61 32.43 20.34
CA SER B 14 -12.60 32.73 21.79
C SER B 14 -11.22 33.07 22.35
N PHE B 15 -10.19 32.98 21.49
CA PHE B 15 -8.78 33.12 21.86
C PHE B 15 -8.12 34.19 21.01
N PHE B 16 -8.57 34.25 19.77
CA PHE B 16 -8.00 35.21 18.84
C PHE B 16 -9.23 35.90 18.30
N LYS B 17 -9.39 37.18 18.59
CA LYS B 17 -10.51 37.95 18.08
C LYS B 17 -10.32 38.19 16.55
N PRO B 18 -11.38 37.97 15.73
CA PRO B 18 -11.26 38.11 14.29
C PRO B 18 -11.11 39.54 13.85
N LEU B 19 -10.32 39.77 12.81
CA LEU B 19 -10.23 41.05 12.14
C LEU B 19 -11.60 41.43 11.65
N THR B 20 -11.74 42.71 11.38
CA THR B 20 -13.03 43.35 11.22
C THR B 20 -12.91 44.58 10.32
N MET C 1 -0.92 -30.77 -31.09
CA MET C 1 0.04 -30.83 -29.94
C MET C 1 0.93 -29.59 -29.80
N PHE C 2 0.30 -28.52 -29.33
CA PHE C 2 0.94 -27.24 -29.02
C PHE C 2 1.83 -27.32 -27.82
N GLU C 3 2.96 -26.64 -27.94
CA GLU C 3 3.96 -26.57 -26.88
C GLU C 3 4.68 -25.29 -27.07
N ALA C 4 4.76 -24.44 -26.05
CA ALA C 4 5.62 -23.24 -26.19
C ALA C 4 6.40 -22.96 -24.92
N ARG C 5 7.70 -23.19 -24.96
CA ARG C 5 8.52 -22.87 -23.81
C ARG C 5 8.95 -21.43 -23.88
N LEU C 6 8.98 -20.75 -22.74
CA LEU C 6 9.46 -19.39 -22.68
C LEU C 6 10.44 -19.21 -21.51
N VAL C 7 11.73 -19.06 -21.83
CA VAL C 7 12.73 -18.92 -20.76
C VAL C 7 12.62 -17.59 -19.99
N GLN C 8 12.04 -16.56 -20.58
CA GLN C 8 11.73 -15.40 -19.81
C GLN C 8 10.25 -15.35 -19.38
N GLY C 9 9.89 -16.22 -18.46
CA GLY C 9 8.52 -16.22 -17.88
C GLY C 9 7.87 -14.87 -17.66
N SER C 10 8.64 -13.93 -17.14
CA SER C 10 8.07 -12.61 -16.85
C SER C 10 7.31 -11.99 -18.04
N ILE C 11 7.74 -12.26 -19.25
CA ILE C 11 7.13 -11.61 -20.37
C ILE C 11 5.66 -11.92 -20.32
N LEU C 12 5.35 -13.15 -19.95
CA LEU C 12 3.99 -13.59 -20.03
C LEU C 12 3.14 -13.02 -18.88
N LYS C 13 3.74 -12.89 -17.72
CA LYS C 13 3.06 -12.34 -16.60
C LYS C 13 2.67 -10.93 -16.94
N LYS C 14 3.63 -10.17 -17.44
CA LYS C 14 3.35 -8.81 -17.76
C LYS C 14 2.29 -8.80 -18.80
N VAL C 15 2.32 -9.76 -19.71
CA VAL C 15 1.25 -9.78 -20.71
C VAL C 15 -0.12 -9.94 -20.09
N LEU C 16 -0.26 -10.79 -19.08
CA LEU C 16 -1.58 -11.00 -18.52
C LEU C 16 -2.04 -9.89 -17.65
N GLU C 17 -1.11 -9.19 -17.04
CA GLU C 17 -1.46 -7.99 -16.30
C GLU C 17 -1.97 -6.95 -17.27
N ALA C 18 -1.41 -6.97 -18.49
CA ALA C 18 -1.78 -5.94 -19.45
C ALA C 18 -3.18 -6.15 -20.00
N LEU C 19 -3.71 -7.37 -19.93
CA LEU C 19 -4.99 -7.62 -20.55
C LEU C 19 -6.11 -7.74 -19.56
N LYS C 20 -5.81 -8.39 -18.43
CA LYS C 20 -6.85 -8.81 -17.49
C LYS C 20 -7.78 -7.65 -17.05
N ASP C 21 -7.24 -6.44 -16.97
CA ASP C 21 -8.05 -5.30 -16.57
C ASP C 21 -8.98 -4.73 -17.68
N LEU C 22 -8.67 -5.01 -18.93
CA LEU C 22 -9.47 -4.52 -20.03
C LEU C 22 -10.53 -5.52 -20.51
N ILE C 23 -10.14 -6.78 -20.64
CA ILE C 23 -11.03 -7.79 -21.15
C ILE C 23 -10.98 -8.93 -20.21
N ASN C 24 -12.09 -9.61 -20.03
CA ASN C 24 -12.15 -10.71 -19.08
C ASN C 24 -12.06 -12.09 -19.71
N GLU C 25 -12.57 -12.22 -20.92
CA GLU C 25 -12.52 -13.49 -21.65
C GLU C 25 -11.77 -13.26 -22.96
N ALA C 26 -11.33 -14.31 -23.62
CA ALA C 26 -10.65 -14.14 -24.90
C ALA C 26 -10.21 -15.45 -25.51
N CYS C 27 -10.11 -15.42 -26.82
CA CYS C 27 -9.72 -16.57 -27.61
C CYS C 27 -8.27 -16.47 -27.92
N TRP C 28 -7.48 -17.41 -27.41
CA TRP C 28 -6.10 -17.50 -27.82
C TRP C 28 -5.95 -18.38 -29.09
N ASP C 29 -5.55 -17.78 -30.20
CA ASP C 29 -5.33 -18.59 -31.40
C ASP C 29 -3.89 -18.96 -31.57
N ILE C 30 -3.63 -20.24 -31.67
CA ILE C 30 -2.30 -20.77 -31.85
C ILE C 30 -2.08 -21.26 -33.29
N SER C 31 -1.01 -20.78 -33.89
CA SER C 31 -0.59 -21.37 -35.13
C SER C 31 0.91 -21.55 -35.21
N SER C 32 1.37 -22.01 -36.36
CA SER C 32 2.77 -22.34 -36.50
C SER C 32 3.58 -21.05 -36.50
N SER C 33 2.97 -19.98 -36.93
CA SER C 33 3.69 -18.72 -36.94
C SER C 33 3.80 -18.14 -35.51
N GLY C 34 2.94 -18.63 -34.62
CA GLY C 34 3.00 -18.25 -33.21
C GLY C 34 1.63 -17.96 -32.65
N VAL C 35 1.58 -17.17 -31.58
CA VAL C 35 0.35 -16.91 -30.82
C VAL C 35 -0.26 -15.54 -31.11
N ASN C 36 -1.59 -15.49 -31.19
CA ASN C 36 -2.31 -14.24 -31.47
C ASN C 36 -3.58 -14.06 -30.66
N LEU C 37 -3.92 -12.83 -30.34
CA LEU C 37 -5.16 -12.63 -29.65
C LEU C 37 -5.74 -11.28 -30.01
N GLN C 38 -7.05 -11.28 -30.24
CA GLN C 38 -7.82 -10.08 -30.58
C GLN C 38 -9.05 -9.95 -29.66
N SER C 39 -9.27 -8.80 -29.04
CA SER C 39 -10.51 -8.71 -28.30
C SER C 39 -10.93 -7.33 -27.84
N MET C 40 -12.23 -7.08 -27.96
CA MET C 40 -12.77 -5.81 -27.56
C MET C 40 -13.15 -5.81 -26.10
N ASP C 41 -12.98 -4.65 -25.44
CA ASP C 41 -13.55 -4.46 -24.15
C ASP C 41 -15.06 -4.56 -24.33
N SER C 42 -15.81 -4.78 -23.25
CA SER C 42 -17.21 -5.09 -23.43
C SER C 42 -17.93 -3.81 -23.75
N SER C 43 -17.42 -2.69 -23.28
CA SER C 43 -17.88 -1.44 -23.85
C SER C 43 -17.95 -1.49 -25.41
N HIS C 44 -17.00 -2.22 -26.01
CA HIS C 44 -16.80 -2.22 -27.47
C HIS C 44 -16.19 -0.96 -28.03
N VAL C 45 -15.57 -0.16 -27.18
CA VAL C 45 -14.92 1.04 -27.62
C VAL C 45 -13.47 0.80 -27.93
N SER C 46 -12.94 -0.31 -27.48
CA SER C 46 -11.54 -0.58 -27.67
C SER C 46 -11.28 -2.06 -27.86
N LEU C 47 -10.13 -2.37 -28.43
CA LEU C 47 -9.65 -3.72 -28.33
C LEU C 47 -8.14 -3.76 -28.23
N VAL C 48 -7.69 -4.97 -27.94
CA VAL C 48 -6.29 -5.25 -27.86
C VAL C 48 -6.03 -6.37 -28.84
N GLN C 49 -4.92 -6.21 -29.55
CA GLN C 49 -4.44 -7.19 -30.49
C GLN C 49 -3.06 -7.62 -30.01
N LEU C 50 -2.91 -8.92 -29.70
CA LEU C 50 -1.63 -9.50 -29.18
C LEU C 50 -0.94 -10.35 -30.23
N THR C 51 0.39 -10.33 -30.21
CA THR C 51 1.20 -11.00 -31.20
C THR C 51 2.46 -11.44 -30.52
N LEU C 52 2.67 -12.74 -30.51
CA LEU C 52 3.84 -13.32 -29.93
C LEU C 52 4.38 -14.34 -30.92
N ARG C 53 5.43 -13.98 -31.66
CA ARG C 53 5.95 -14.75 -32.81
C ARG C 53 6.47 -16.13 -32.36
N SER C 54 6.41 -17.14 -33.24
CA SER C 54 6.81 -18.45 -32.82
C SER C 54 8.29 -18.46 -32.53
N GLU C 55 9.03 -17.55 -33.14
CA GLU C 55 10.47 -17.42 -32.89
C GLU C 55 10.72 -16.87 -31.53
N GLY C 56 9.78 -16.07 -31.04
CA GLY C 56 9.93 -15.52 -29.73
C GLY C 56 10.28 -16.66 -28.81
N PHE C 57 9.55 -17.74 -28.87
CA PHE C 57 9.66 -18.73 -27.85
C PHE C 57 10.94 -19.50 -27.97
N ASP C 58 11.42 -20.00 -26.86
CA ASP C 58 12.71 -20.61 -26.90
C ASP C 58 12.54 -21.94 -27.61
N THR C 59 11.40 -22.60 -27.38
CA THR C 59 10.96 -23.83 -28.06
C THR C 59 9.49 -23.67 -28.54
N TYR C 60 9.14 -24.14 -29.73
CA TYR C 60 7.77 -23.97 -30.19
C TYR C 60 7.27 -25.04 -31.16
N ARG C 61 6.14 -25.63 -30.81
CA ARG C 61 5.67 -26.83 -31.46
C ARG C 61 4.19 -26.73 -31.65
N CYS C 62 3.73 -27.16 -32.81
CA CYS C 62 2.35 -26.99 -33.16
C CYS C 62 1.99 -27.68 -34.46
N ASP C 63 1.25 -28.76 -34.41
CA ASP C 63 0.82 -29.37 -35.66
C ASP C 63 -0.65 -29.27 -35.90
N ARG C 64 -1.38 -28.48 -35.11
CA ARG C 64 -2.78 -28.21 -35.41
C ARG C 64 -3.19 -26.84 -34.85
N ASN C 65 -3.65 -25.94 -35.71
CA ASN C 65 -4.01 -24.62 -35.20
C ASN C 65 -5.07 -24.84 -34.13
N LEU C 66 -5.39 -23.77 -33.42
CA LEU C 66 -5.98 -23.92 -32.14
C LEU C 66 -6.58 -22.59 -31.65
N ALA C 67 -7.83 -22.64 -31.21
CA ALA C 67 -8.50 -21.48 -30.68
C ALA C 67 -8.90 -21.79 -29.26
N MET C 68 -8.15 -21.31 -28.27
CA MET C 68 -8.39 -21.69 -26.89
C MET C 68 -9.23 -20.66 -26.13
N GLY C 69 -10.32 -21.12 -25.53
CA GLY C 69 -11.26 -20.20 -24.95
C GLY C 69 -10.85 -19.86 -23.54
N VAL C 70 -10.15 -18.75 -23.37
CA VAL C 70 -9.52 -18.45 -22.08
C VAL C 70 -10.22 -17.42 -21.24
N ASN C 71 -10.38 -17.76 -19.97
CA ASN C 71 -10.80 -16.80 -18.96
C ASN C 71 -9.59 -16.07 -18.44
N LEU C 72 -9.45 -14.80 -18.79
CA LEU C 72 -8.18 -14.12 -18.57
C LEU C 72 -7.93 -13.85 -17.10
N THR C 73 -9.02 -13.70 -16.36
CA THR C 73 -8.93 -13.52 -14.93
C THR C 73 -8.24 -14.72 -14.31
N SER C 74 -8.76 -15.92 -14.53
CA SER C 74 -8.16 -17.08 -13.94
C SER C 74 -6.79 -17.39 -14.53
N MET C 75 -6.48 -16.81 -15.68
CA MET C 75 -5.14 -16.95 -16.25
C MET C 75 -4.19 -16.06 -15.53
N SER C 76 -4.65 -14.86 -15.25
CA SER C 76 -3.93 -13.95 -14.37
C SER C 76 -3.70 -14.56 -12.97
N LYS C 77 -4.74 -15.00 -12.31
CA LYS C 77 -4.56 -15.67 -11.07
C LYS C 77 -3.46 -16.71 -11.13
N ILE C 78 -3.30 -17.41 -12.24
CA ILE C 78 -2.39 -18.53 -12.25
C ILE C 78 -0.99 -18.04 -12.45
N LEU C 79 -0.88 -17.21 -13.45
CA LEU C 79 0.32 -16.57 -13.75
C LEU C 79 0.81 -15.75 -12.57
N LYS C 80 0.00 -15.36 -11.63
CA LYS C 80 0.59 -14.74 -10.46
C LYS C 80 1.34 -15.75 -9.61
N CYS C 81 1.16 -17.02 -9.89
CA CYS C 81 1.96 -18.07 -9.28
C CYS C 81 3.27 -18.40 -9.99
N ALA C 82 3.60 -17.68 -11.04
CA ALA C 82 4.88 -17.88 -11.70
C ALA C 82 5.90 -16.98 -11.03
N GLY C 83 7.12 -17.45 -10.94
CA GLY C 83 8.19 -16.63 -10.40
C GLY C 83 8.84 -15.90 -11.56
N ASN C 84 9.35 -14.69 -11.33
CA ASN C 84 9.85 -13.91 -12.45
C ASN C 84 11.09 -14.53 -13.16
N GLU C 85 11.86 -15.34 -12.44
CA GLU C 85 12.99 -16.04 -13.02
C GLU C 85 12.57 -17.42 -13.52
N ASP C 86 11.27 -17.71 -13.41
CA ASP C 86 10.72 -18.99 -13.83
C ASP C 86 10.71 -19.18 -15.35
N ILE C 87 11.08 -20.35 -15.83
CA ILE C 87 10.80 -20.66 -17.23
C ILE C 87 9.37 -21.11 -17.34
N ILE C 88 8.68 -20.65 -18.34
CA ILE C 88 7.28 -21.03 -18.48
C ILE C 88 6.95 -21.85 -19.74
N THR C 89 6.14 -22.87 -19.58
CA THR C 89 5.75 -23.71 -20.70
C THR C 89 4.22 -23.73 -20.81
N LEU C 90 3.71 -23.55 -22.01
CA LEU C 90 2.28 -23.66 -22.27
C LEU C 90 2.12 -24.85 -23.17
N ARG C 91 1.22 -25.75 -22.83
CA ARG C 91 1.02 -26.95 -23.62
C ARG C 91 -0.48 -27.17 -23.65
N ALA C 92 -0.98 -27.65 -24.79
CA ALA C 92 -2.39 -27.93 -25.02
C ALA C 92 -2.48 -29.03 -26.08
N GLU C 93 -3.48 -29.87 -25.95
CA GLU C 93 -3.53 -31.02 -26.79
C GLU C 93 -4.46 -30.82 -27.92
N ASP C 94 -4.00 -31.21 -29.09
CA ASP C 94 -4.91 -31.33 -30.20
C ASP C 94 -6.35 -30.92 -29.79
N ASN C 95 -6.99 -31.78 -28.98
CA ASN C 95 -8.35 -31.56 -28.47
C ASN C 95 -8.30 -30.70 -27.24
N ALA C 96 -9.26 -29.80 -27.09
CA ALA C 96 -9.14 -28.74 -26.10
C ALA C 96 -10.22 -28.82 -25.03
N ASP C 97 -9.84 -29.18 -23.80
CA ASP C 97 -10.65 -28.79 -22.66
C ASP C 97 -9.80 -27.97 -21.74
N THR C 98 -8.49 -28.12 -21.79
CA THR C 98 -7.67 -27.42 -20.83
C THR C 98 -6.40 -26.87 -21.42
N LEU C 99 -5.81 -25.87 -20.76
CA LEU C 99 -4.45 -25.40 -21.07
C LEU C 99 -3.59 -25.69 -19.86
N ALA C 100 -2.30 -25.81 -20.06
CA ALA C 100 -1.43 -26.30 -19.01
C ALA C 100 -0.31 -25.36 -18.92
N LEU C 101 -0.03 -24.86 -17.73
CA LEU C 101 1.06 -23.94 -17.64
C LEU C 101 2.05 -24.57 -16.68
N VAL C 102 3.27 -24.77 -17.13
CA VAL C 102 4.32 -25.22 -16.27
C VAL C 102 5.28 -24.09 -16.01
N PHE C 103 5.63 -23.94 -14.73
CA PHE C 103 6.66 -23.00 -14.25
C PHE C 103 7.82 -23.78 -13.65
N GLU C 104 8.84 -23.99 -14.44
CA GLU C 104 10.08 -24.58 -14.00
C GLU C 104 10.85 -23.48 -13.32
N ALA C 105 11.13 -23.64 -12.04
CA ALA C 105 11.98 -22.68 -11.34
C ALA C 105 13.42 -22.84 -11.78
N PRO C 106 14.07 -21.72 -12.10
CA PRO C 106 15.47 -21.73 -12.54
C PRO C 106 16.16 -23.04 -12.18
N ASN C 107 16.88 -22.99 -11.05
CA ASN C 107 17.66 -24.10 -10.52
C ASN C 107 16.84 -25.30 -10.04
N GLN C 108 16.72 -26.26 -10.94
CA GLN C 108 16.16 -27.59 -10.71
C GLN C 108 15.91 -27.76 -9.23
N GLU C 109 14.79 -27.20 -8.78
CA GLU C 109 14.44 -27.14 -7.39
C GLU C 109 12.98 -27.43 -7.29
N LYS C 110 12.17 -26.69 -8.01
CA LYS C 110 10.75 -26.95 -7.92
C LYS C 110 10.03 -26.78 -9.23
N VAL C 111 9.10 -27.66 -9.52
CA VAL C 111 8.26 -27.45 -10.67
C VAL C 111 6.84 -27.27 -10.19
N SER C 112 6.10 -26.43 -10.91
CA SER C 112 4.67 -26.30 -10.65
C SER C 112 3.92 -26.49 -11.96
N ASP C 113 2.76 -27.11 -11.86
CA ASP C 113 1.97 -27.49 -13.01
C ASP C 113 0.51 -27.08 -12.77
N TYR C 114 -0.06 -26.27 -13.66
CA TYR C 114 -1.41 -25.72 -13.49
C TYR C 114 -2.24 -26.00 -14.77
N GLU C 115 -3.30 -26.79 -14.62
CA GLU C 115 -4.13 -27.07 -15.73
C GLU C 115 -5.30 -26.12 -15.62
N MET C 116 -5.43 -25.20 -16.54
CA MET C 116 -6.58 -24.27 -16.58
C MET C 116 -7.78 -24.75 -17.38
N LYS C 117 -8.97 -24.75 -16.79
CA LYS C 117 -10.17 -25.11 -17.54
C LYS C 117 -10.46 -24.04 -18.60
N LEU C 118 -10.86 -24.47 -19.79
CA LEU C 118 -11.11 -23.53 -20.87
C LEU C 118 -12.58 -23.35 -21.08
N MET C 119 -12.98 -22.26 -21.69
CA MET C 119 -14.39 -22.07 -21.92
C MET C 119 -14.65 -22.06 -23.39
N ASP C 120 -15.76 -22.67 -23.82
CA ASP C 120 -16.20 -22.57 -25.21
C ASP C 120 -16.75 -21.17 -25.37
N LEU C 121 -16.19 -20.40 -26.29
CA LEU C 121 -16.45 -18.97 -26.26
C LEU C 121 -16.60 -18.41 -27.69
N ASP C 122 -17.44 -17.40 -27.83
CA ASP C 122 -17.72 -16.82 -29.14
C ASP C 122 -17.40 -15.33 -29.18
N VAL C 123 -16.16 -14.96 -28.94
CA VAL C 123 -15.79 -13.54 -28.96
C VAL C 123 -15.60 -12.97 -30.38
N GLU C 124 -16.53 -12.09 -30.81
CA GLU C 124 -16.35 -11.34 -32.08
C GLU C 124 -14.88 -10.91 -32.40
N GLN C 125 -14.56 -10.85 -33.69
CA GLN C 125 -13.25 -10.44 -34.14
C GLN C 125 -13.38 -9.44 -35.28
N LEU C 126 -12.42 -8.51 -35.40
CA LEU C 126 -12.52 -7.49 -36.43
C LEU C 126 -11.30 -7.46 -37.32
N GLY C 127 -11.51 -7.18 -38.58
CA GLY C 127 -10.40 -7.08 -39.48
C GLY C 127 -9.93 -5.66 -39.47
N ILE C 128 -8.65 -5.45 -39.21
CA ILE C 128 -8.13 -4.10 -39.23
C ILE C 128 -7.05 -3.90 -40.31
N PRO C 129 -7.21 -2.91 -41.20
CA PRO C 129 -6.23 -2.90 -42.31
C PRO C 129 -4.89 -2.16 -42.04
N GLU C 130 -3.89 -2.47 -42.86
CA GLU C 130 -2.58 -1.83 -42.78
C GLU C 130 -2.67 -0.50 -43.50
N GLN C 131 -2.58 0.59 -42.73
CA GLN C 131 -2.82 1.93 -43.28
C GLN C 131 -1.73 2.96 -42.99
N GLU C 132 -1.91 4.17 -43.49
CA GLU C 132 -0.92 5.23 -43.27
C GLU C 132 -1.46 6.22 -42.24
N TYR C 133 -0.72 6.42 -41.16
CA TYR C 133 -1.22 7.28 -40.11
C TYR C 133 -0.59 8.62 -40.26
N SER C 134 -1.42 9.65 -40.29
CA SER C 134 -0.95 11.02 -40.35
C SER C 134 0.24 11.18 -39.39
N CYS C 135 -0.04 11.05 -38.09
CA CYS C 135 1.00 11.12 -37.08
C CYS C 135 1.29 9.84 -36.40
N VAL C 136 2.56 9.70 -36.10
CA VAL C 136 3.04 8.66 -35.26
C VAL C 136 3.98 9.35 -34.31
N VAL C 137 3.52 9.40 -33.06
CA VAL C 137 4.31 9.84 -31.95
C VAL C 137 4.92 8.65 -31.25
N LYS C 138 6.19 8.76 -30.88
CA LYS C 138 6.87 7.77 -30.05
C LYS C 138 7.37 8.47 -28.79
N MET C 139 7.55 7.73 -27.70
CA MET C 139 7.94 8.36 -26.44
C MET C 139 8.08 7.32 -25.34
N PRO C 140 8.61 7.70 -24.17
CA PRO C 140 8.72 6.65 -23.17
C PRO C 140 7.38 6.34 -22.48
N SER C 141 7.00 5.06 -22.52
CA SER C 141 5.84 4.56 -21.81
C SER C 141 5.62 5.27 -20.48
N GLY C 142 6.71 5.47 -19.73
CA GLY C 142 6.59 5.92 -18.36
C GLY C 142 5.89 7.25 -18.37
N GLU C 143 6.32 8.07 -19.30
CA GLU C 143 5.88 9.42 -19.35
C GLU C 143 4.44 9.40 -19.80
N PHE C 144 4.19 8.66 -20.86
CA PHE C 144 2.83 8.58 -21.42
C PHE C 144 1.80 8.05 -20.40
N ALA C 145 2.26 7.24 -19.44
CA ALA C 145 1.36 6.81 -18.38
C ALA C 145 1.01 8.00 -17.48
N ARG C 146 2.04 8.62 -16.90
CA ARG C 146 1.88 9.77 -16.04
C ARG C 146 0.94 10.81 -16.64
N ILE C 147 0.98 10.93 -17.97
CA ILE C 147 0.17 11.94 -18.61
C ILE C 147 -1.30 11.58 -18.51
N CYS C 148 -1.61 10.31 -18.70
CA CYS C 148 -2.99 9.89 -18.54
C CYS C 148 -3.44 9.92 -17.06
N ARG C 149 -2.58 9.39 -16.19
CA ARG C 149 -2.83 9.41 -14.76
C ARG C 149 -2.99 10.85 -14.29
N ASP C 150 -2.29 11.78 -14.94
CA ASP C 150 -2.38 13.21 -14.57
C ASP C 150 -3.68 13.83 -15.05
N LEU C 151 -3.88 13.79 -16.36
CA LEU C 151 -5.07 14.39 -16.90
C LEU C 151 -6.33 13.67 -16.42
N SER C 152 -6.26 12.40 -16.04
CA SER C 152 -7.45 11.79 -15.41
C SER C 152 -8.01 12.64 -14.31
N HIS C 153 -7.19 13.27 -13.50
CA HIS C 153 -7.78 14.07 -12.43
C HIS C 153 -8.36 15.43 -12.86
N ILE C 154 -8.09 15.84 -14.09
CA ILE C 154 -8.55 17.12 -14.58
C ILE C 154 -9.88 16.94 -15.30
N GLY C 155 -9.86 16.11 -16.33
CA GLY C 155 -11.08 15.67 -17.00
C GLY C 155 -11.12 14.18 -17.31
N ASP C 156 -12.16 13.76 -18.00
CA ASP C 156 -12.27 12.35 -18.31
C ASP C 156 -12.07 12.15 -19.79
N ALA C 157 -11.45 13.12 -20.43
CA ALA C 157 -11.19 12.98 -21.81
C ALA C 157 -9.94 13.79 -22.24
N VAL C 158 -9.07 13.21 -23.02
CA VAL C 158 -7.96 13.97 -23.53
C VAL C 158 -8.11 14.30 -25.05
N VAL C 159 -7.73 15.55 -25.36
CA VAL C 159 -7.59 16.02 -26.72
C VAL C 159 -6.09 15.94 -27.09
N ILE C 160 -5.76 14.99 -27.96
CA ILE C 160 -4.39 14.87 -28.45
C ILE C 160 -4.25 15.67 -29.73
N SER C 161 -3.11 16.33 -29.88
CA SER C 161 -3.02 17.36 -30.89
C SER C 161 -1.53 17.59 -31.16
N CYS C 162 -0.91 16.75 -31.98
CA CYS C 162 0.54 16.90 -32.32
C CYS C 162 1.22 18.23 -31.93
N VAL C 167 3.73 17.81 -29.89
CA VAL C 167 2.55 17.05 -29.43
C VAL C 167 1.98 17.54 -28.08
N LYS C 168 0.64 17.56 -28.00
CA LYS C 168 -0.04 18.16 -26.85
C LYS C 168 -1.23 17.35 -26.37
N PHE C 169 -1.18 16.97 -25.10
CA PHE C 169 -2.31 16.37 -24.49
C PHE C 169 -2.99 17.38 -23.59
N SER C 170 -4.30 17.31 -23.50
CA SER C 170 -4.95 18.33 -22.79
C SER C 170 -6.30 17.90 -22.31
N ALA C 171 -6.81 18.58 -21.29
CA ALA C 171 -8.09 18.18 -20.72
C ALA C 171 -8.63 19.30 -19.87
N SER C 172 -9.84 19.07 -19.35
CA SER C 172 -10.58 20.12 -18.65
C SER C 172 -11.90 19.61 -18.04
N GLY C 173 -12.34 20.22 -16.95
CA GLY C 173 -13.55 19.83 -16.24
C GLY C 173 -14.00 20.92 -15.29
N GLU C 174 -14.84 20.59 -14.32
CA GLU C 174 -15.44 21.59 -13.43
C GLU C 174 -14.45 22.60 -12.83
N LEU C 175 -13.23 22.16 -12.53
CA LEU C 175 -12.25 22.99 -11.82
C LEU C 175 -11.43 23.87 -12.72
N GLY C 176 -11.17 23.38 -13.93
CA GLY C 176 -10.50 24.16 -14.97
C GLY C 176 -10.01 23.29 -16.09
N ASN C 177 -8.79 23.50 -16.55
CA ASN C 177 -8.25 22.65 -17.61
C ASN C 177 -6.76 22.49 -17.46
N GLY C 178 -6.19 21.60 -18.26
CA GLY C 178 -4.75 21.48 -18.31
C GLY C 178 -4.26 20.91 -19.61
N ASN C 179 -2.98 21.13 -19.87
CA ASN C 179 -2.36 20.49 -20.97
C ASN C 179 -0.89 20.28 -20.77
N ILE C 180 -0.36 19.34 -21.55
CA ILE C 180 1.04 18.96 -21.50
C ILE C 180 1.62 19.02 -22.89
N LYS C 181 2.78 19.65 -22.99
CA LYS C 181 3.44 19.89 -24.26
C LYS C 181 4.75 19.15 -24.34
N LEU C 182 4.83 18.23 -25.29
CA LEU C 182 6.08 17.57 -25.63
C LEU C 182 6.45 17.89 -27.07
N SER C 183 7.70 18.30 -27.32
CA SER C 183 8.25 18.16 -28.68
C SER C 183 9.71 17.67 -28.68
N GLN C 184 10.23 17.38 -29.88
CA GLN C 184 11.67 17.16 -30.13
C GLN C 184 12.30 16.08 -29.24
N THR C 185 13.62 15.92 -29.35
CA THR C 185 14.38 15.05 -28.45
C THR C 185 15.84 15.44 -28.43
N GLU C 193 14.07 9.76 -22.52
CA GLU C 193 13.38 11.01 -22.64
C GLU C 193 13.09 11.27 -24.11
N ALA C 194 13.40 10.25 -24.92
CA ALA C 194 13.30 10.26 -26.39
C ALA C 194 11.92 10.35 -27.04
N VAL C 195 11.54 11.52 -27.57
CA VAL C 195 10.20 11.77 -28.07
C VAL C 195 10.19 12.26 -29.50
N THR C 196 9.79 11.39 -30.42
CA THR C 196 9.91 11.65 -31.83
C THR C 196 8.55 11.91 -32.40
N ILE C 197 8.51 12.51 -33.58
CA ILE C 197 7.26 12.65 -34.31
C ILE C 197 7.42 12.24 -35.78
N GLU C 198 6.32 11.83 -36.42
CA GLU C 198 6.30 11.59 -37.87
C GLU C 198 5.01 12.16 -38.46
N MET C 199 5.13 13.27 -39.16
CA MET C 199 3.93 14.03 -39.48
C MET C 199 3.68 14.33 -40.94
N ASN C 200 2.51 13.96 -41.42
CA ASN C 200 2.02 14.48 -42.69
C ASN C 200 0.71 15.30 -42.56
N GLU C 201 0.09 15.30 -41.39
CA GLU C 201 -1.10 16.14 -41.24
C GLU C 201 -1.49 16.44 -39.79
N PRO C 202 -1.60 17.72 -39.45
CA PRO C 202 -2.19 18.09 -38.16
C PRO C 202 -3.38 17.21 -37.81
N VAL C 203 -3.45 16.75 -36.56
CA VAL C 203 -4.56 15.91 -36.15
C VAL C 203 -4.90 16.12 -34.69
N GLN C 204 -6.20 16.13 -34.41
CA GLN C 204 -6.73 16.64 -33.14
C GLN C 204 -7.98 15.91 -32.71
N LEU C 205 -7.80 14.64 -32.34
CA LEU C 205 -8.88 13.78 -31.87
C LEU C 205 -9.10 13.83 -30.35
N THR C 206 -10.12 13.11 -29.94
CA THR C 206 -10.55 13.16 -28.55
C THR C 206 -10.96 11.78 -28.06
N PHE C 207 -10.22 11.33 -27.05
CA PHE C 207 -10.29 9.98 -26.53
C PHE C 207 -10.69 9.95 -25.07
N ALA C 208 -11.12 8.78 -24.62
CA ALA C 208 -11.53 8.61 -23.23
C ALA C 208 -10.36 8.16 -22.33
N LEU C 209 -9.95 9.00 -21.38
CA LEU C 209 -8.92 8.63 -20.44
C LEU C 209 -9.15 7.28 -19.75
N ARG C 210 -10.38 6.98 -19.37
CA ARG C 210 -10.69 5.68 -18.77
C ARG C 210 -9.96 4.58 -19.54
N TYR C 211 -10.14 4.56 -20.84
CA TYR C 211 -9.48 3.58 -21.70
C TYR C 211 -7.96 3.70 -21.77
N LEU C 212 -7.43 4.88 -22.01
CA LEU C 212 -6.00 5.02 -22.10
C LEU C 212 -5.37 4.50 -20.81
N ASN C 213 -5.99 4.81 -19.67
CA ASN C 213 -5.47 4.29 -18.41
C ASN C 213 -5.44 2.76 -18.30
N PHE C 214 -6.42 2.03 -18.86
CA PHE C 214 -6.29 0.58 -19.06
C PHE C 214 -5.13 0.22 -19.95
N PHE C 215 -5.03 0.79 -21.13
CA PHE C 215 -3.94 0.43 -22.05
C PHE C 215 -2.56 0.42 -21.38
N THR C 216 -2.38 1.35 -20.44
CA THR C 216 -1.04 1.64 -19.89
C THR C 216 -0.61 0.63 -18.84
N LYS C 217 -1.43 -0.37 -18.57
CA LYS C 217 -0.97 -1.44 -17.71
C LYS C 217 0.09 -2.24 -18.49
N ALA C 218 0.18 -1.98 -19.78
CA ALA C 218 1.19 -2.65 -20.63
C ALA C 218 2.64 -2.01 -20.54
N THR C 219 2.72 -0.88 -19.85
CA THR C 219 3.97 -0.15 -19.70
C THR C 219 5.16 -1.06 -19.30
N PRO C 220 4.91 -2.09 -18.51
CA PRO C 220 6.16 -2.69 -18.02
C PRO C 220 6.84 -3.52 -19.07
N LEU C 221 6.15 -3.79 -20.17
CA LEU C 221 6.70 -4.64 -21.22
C LEU C 221 7.67 -3.90 -22.09
N SER C 222 7.80 -2.60 -21.92
CA SER C 222 8.43 -1.80 -22.93
C SER C 222 8.71 -0.43 -22.43
N SER C 223 9.91 0.05 -22.63
CA SER C 223 10.19 1.39 -22.18
C SER C 223 9.62 2.41 -23.18
N THR C 224 9.04 1.92 -24.26
CA THR C 224 8.52 2.84 -25.24
C THR C 224 7.12 2.52 -25.57
N VAL C 225 6.40 3.58 -25.86
CA VAL C 225 5.13 3.41 -26.42
C VAL C 225 5.11 4.19 -27.69
N THR C 226 4.16 3.82 -28.53
CA THR C 226 3.96 4.60 -29.74
C THR C 226 2.51 4.86 -29.93
N LEU C 227 2.18 6.13 -30.13
CA LEU C 227 0.86 6.46 -30.61
C LEU C 227 0.89 6.57 -32.13
N SER C 228 -0.30 6.52 -32.73
CA SER C 228 -0.48 6.52 -34.15
C SER C 228 -1.88 7.07 -34.36
N MET C 229 -2.02 8.12 -35.18
CA MET C 229 -3.37 8.57 -35.46
C MET C 229 -3.57 9.34 -36.75
N SER C 230 -4.85 9.41 -37.13
CA SER C 230 -5.34 10.06 -38.35
C SER C 230 -6.79 10.48 -38.10
N ALA C 231 -7.20 11.59 -38.69
CA ALA C 231 -8.52 12.11 -38.43
C ALA C 231 -9.57 11.02 -38.54
N ASP C 232 -10.73 11.27 -37.94
CA ASP C 232 -11.88 10.39 -38.05
C ASP C 232 -11.57 8.88 -38.04
N VAL C 233 -10.54 8.47 -37.30
CA VAL C 233 -10.28 7.01 -37.12
C VAL C 233 -9.52 6.60 -35.82
N PRO C 234 -9.78 5.36 -35.34
CA PRO C 234 -9.24 4.83 -34.08
C PRO C 234 -7.77 5.04 -33.88
N LEU C 235 -7.44 5.39 -32.62
CA LEU C 235 -6.06 5.56 -32.17
C LEU C 235 -5.47 4.19 -31.94
N VAL C 236 -4.19 4.05 -32.21
CA VAL C 236 -3.53 2.80 -31.92
C VAL C 236 -2.27 3.04 -31.09
N VAL C 237 -2.24 2.39 -29.93
CA VAL C 237 -1.16 2.53 -28.95
C VAL C 237 -0.45 1.21 -28.85
N GLU C 238 0.88 1.18 -28.99
CA GLU C 238 1.62 -0.08 -29.15
C GLU C 238 2.86 -0.31 -28.30
N TYR C 239 2.88 -1.40 -27.59
CA TYR C 239 4.02 -1.76 -26.80
C TYR C 239 4.62 -2.99 -27.41
N LYS C 240 5.92 -2.97 -27.67
CA LYS C 240 6.60 -4.10 -28.29
C LYS C 240 7.31 -5.01 -27.28
N ILE C 241 6.88 -6.27 -27.22
CA ILE C 241 7.51 -7.30 -26.41
C ILE C 241 8.78 -7.62 -27.16
N ALA C 242 9.91 -7.38 -26.54
CA ALA C 242 11.15 -7.26 -27.25
C ALA C 242 11.45 -8.54 -27.89
N ASP C 243 11.90 -8.45 -29.13
CA ASP C 243 12.46 -9.57 -29.87
C ASP C 243 11.45 -10.69 -30.03
N MET C 244 10.17 -10.35 -30.08
CA MET C 244 9.20 -11.39 -30.28
C MET C 244 7.79 -10.90 -30.64
N GLY C 245 7.49 -9.63 -30.46
CA GLY C 245 6.19 -9.14 -30.88
C GLY C 245 5.66 -7.89 -30.19
N HIS C 246 4.34 -7.79 -30.08
CA HIS C 246 3.73 -6.53 -29.73
C HIS C 246 2.35 -6.67 -29.05
N LEU C 247 1.88 -5.56 -28.47
CA LEU C 247 0.57 -5.51 -27.88
C LEU C 247 -0.14 -4.22 -28.29
N LYS C 248 -0.87 -4.18 -29.40
CA LYS C 248 -1.51 -2.94 -29.86
C LYS C 248 -2.90 -2.69 -29.35
N TYR C 249 -3.13 -1.62 -28.65
CA TYR C 249 -4.49 -1.29 -28.27
C TYR C 249 -5.14 -0.30 -29.24
N TYR C 250 -6.43 -0.40 -29.46
CA TYR C 250 -7.08 0.52 -30.35
C TYR C 250 -8.25 1.10 -29.66
N LEU C 251 -8.53 2.37 -29.92
CA LEU C 251 -9.57 3.05 -29.19
C LEU C 251 -10.23 3.96 -30.16
N ALA C 252 -11.55 3.94 -30.23
CA ALA C 252 -12.18 4.96 -31.05
C ALA C 252 -12.24 6.33 -30.37
N PRO C 253 -12.32 7.36 -31.17
CA PRO C 253 -12.40 8.70 -30.67
C PRO C 253 -13.85 9.00 -30.30
N LYS C 254 -14.09 10.07 -29.56
CA LYS C 254 -15.44 10.45 -29.16
C LYS C 254 -16.19 11.12 -30.32
N MET D 9 -19.36 8.21 -27.58
CA MET D 9 -18.39 7.50 -28.47
C MET D 9 -19.09 6.56 -29.44
N GLN D 10 -18.32 6.03 -30.37
CA GLN D 10 -18.86 5.13 -31.33
C GLN D 10 -18.08 3.84 -31.18
N THR D 11 -18.76 2.70 -31.20
CA THR D 11 -18.04 1.43 -31.10
C THR D 11 -17.06 1.21 -32.25
N LEU D 12 -16.19 0.24 -32.06
CA LEU D 12 -14.94 0.16 -32.78
C LEU D 12 -15.21 -0.47 -34.14
N GLU D 13 -16.48 -0.67 -34.42
CA GLU D 13 -16.84 -1.60 -35.43
C GLU D 13 -17.78 -0.86 -36.32
N SER D 14 -17.95 0.42 -35.96
CA SER D 14 -18.28 1.43 -36.94
C SER D 14 -17.01 1.95 -37.61
N PHE D 15 -15.84 1.33 -37.36
CA PHE D 15 -14.59 1.68 -38.10
C PHE D 15 -13.90 0.50 -38.73
N PHE D 16 -14.35 -0.72 -38.42
CA PHE D 16 -13.61 -1.90 -38.88
C PHE D 16 -14.43 -2.96 -39.59
N LYS D 17 -13.79 -3.59 -40.59
CA LYS D 17 -14.39 -4.70 -41.35
C LYS D 17 -14.45 -5.96 -40.55
N PRO D 18 -15.60 -6.63 -40.58
CA PRO D 18 -15.64 -7.99 -40.06
C PRO D 18 -15.43 -9.01 -41.16
N MET E 1 5.63 -10.68 41.40
CA MET E 1 5.73 -9.72 40.26
C MET E 1 6.44 -10.39 39.11
N PHE E 2 5.89 -10.24 37.90
CA PHE E 2 6.50 -10.79 36.70
C PHE E 2 7.28 -9.72 35.98
N GLU E 3 8.38 -10.10 35.34
CA GLU E 3 9.19 -9.12 34.64
C GLU E 3 10.06 -9.76 33.61
N ALA E 4 9.68 -9.59 32.37
CA ALA E 4 10.47 -10.07 31.27
C ALA E 4 11.02 -8.88 30.52
N ARG E 5 12.31 -8.91 30.28
CA ARG E 5 12.98 -7.94 29.47
C ARG E 5 13.54 -8.66 28.29
N LEU E 6 13.18 -8.21 27.12
CA LEU E 6 13.65 -8.81 25.91
C LEU E 6 14.30 -7.72 25.15
N VAL E 7 15.59 -7.80 24.97
CA VAL E 7 16.25 -6.64 24.40
C VAL E 7 15.90 -6.48 22.94
N GLN E 8 15.68 -7.59 22.29
CA GLN E 8 15.44 -7.58 20.86
C GLN E 8 13.94 -7.77 20.60
N GLY E 9 13.19 -6.71 20.82
CA GLY E 9 11.73 -6.78 20.91
C GLY E 9 10.99 -7.03 19.59
N SER E 10 11.66 -6.89 18.47
CA SER E 10 11.02 -7.20 17.22
C SER E 10 10.41 -8.60 17.37
N ILE E 11 10.90 -9.39 18.30
CA ILE E 11 10.29 -10.72 18.49
C ILE E 11 8.86 -10.81 19.10
N LEU E 12 8.60 -10.08 20.19
CA LEU E 12 7.25 -10.00 20.68
C LEU E 12 6.36 -9.48 19.60
N LYS E 13 6.87 -8.50 18.86
CA LYS E 13 6.08 -7.93 17.76
C LYS E 13 5.61 -8.97 16.75
N LYS E 14 6.54 -9.75 16.22
CA LYS E 14 6.14 -10.81 15.27
C LYS E 14 5.17 -11.88 15.88
N VAL E 15 5.37 -12.24 17.14
CA VAL E 15 4.52 -13.21 17.76
C VAL E 15 3.09 -12.74 17.79
N LEU E 16 2.86 -11.45 17.83
CA LEU E 16 1.48 -11.06 17.85
C LEU E 16 0.88 -10.95 16.47
N GLU E 17 1.64 -10.49 15.48
CA GLU E 17 1.23 -10.70 14.10
C GLU E 17 0.80 -12.16 13.89
N ALA E 18 1.60 -13.07 14.39
CA ALA E 18 1.43 -14.46 14.12
C ALA E 18 0.29 -15.05 14.91
N LEU E 19 -0.36 -14.27 15.77
CA LEU E 19 -1.45 -14.84 16.60
C LEU E 19 -2.74 -14.09 16.46
N LYS E 20 -2.61 -12.79 16.44
CA LYS E 20 -3.78 -11.97 16.52
C LYS E 20 -4.76 -12.38 15.42
N ASP E 21 -4.28 -13.01 14.37
CA ASP E 21 -5.16 -13.19 13.22
C ASP E 21 -5.97 -14.49 13.30
N LEU E 22 -5.40 -15.45 14.01
CA LEU E 22 -6.01 -16.70 14.18
C LEU E 22 -6.95 -16.70 15.37
N ILE E 23 -6.60 -15.95 16.42
CA ILE E 23 -7.31 -15.96 17.73
C ILE E 23 -7.26 -14.55 18.27
N ASN E 24 -8.23 -14.12 19.05
CA ASN E 24 -8.22 -12.72 19.49
C ASN E 24 -8.19 -12.55 21.00
N GLU E 25 -8.20 -13.67 21.71
CA GLU E 25 -8.20 -13.69 23.17
C GLU E 25 -7.34 -14.86 23.54
N ALA E 26 -6.43 -14.70 24.46
CA ALA E 26 -5.68 -15.85 24.94
C ALA E 26 -5.21 -15.66 26.36
N CYS E 27 -4.60 -16.70 26.89
CA CYS E 27 -4.30 -16.71 28.27
C CYS E 27 -2.82 -16.97 28.41
N TRP E 28 -2.05 -15.96 28.79
CA TRP E 28 -0.61 -16.11 28.89
C TRP E 28 -0.20 -16.73 30.23
N ASP E 29 0.26 -17.98 30.17
CA ASP E 29 0.75 -18.66 31.37
C ASP E 29 2.22 -18.35 31.60
N ILE E 30 2.47 -17.73 32.74
CA ILE E 30 3.79 -17.23 33.10
C ILE E 30 4.29 -18.06 34.23
N SER E 31 5.59 -18.32 34.26
CA SER E 31 6.13 -19.11 35.37
C SER E 31 7.66 -19.19 35.38
N SER E 32 8.20 -19.58 36.53
CA SER E 32 9.62 -19.85 36.65
C SER E 32 10.16 -20.12 35.27
N SER E 33 9.50 -21.05 34.59
CA SER E 33 10.02 -21.67 33.39
C SER E 33 9.92 -20.75 32.19
N GLY E 34 8.78 -20.13 32.02
CA GLY E 34 8.63 -19.26 30.89
C GLY E 34 7.20 -18.94 30.57
N VAL E 35 6.95 -18.50 29.34
CA VAL E 35 5.63 -18.22 28.90
C VAL E 35 5.06 -19.39 28.14
N ASN E 36 3.74 -19.52 28.22
CA ASN E 36 3.08 -20.61 27.53
C ASN E 36 1.72 -20.11 27.18
N LEU E 37 1.46 -20.13 25.88
CA LEU E 37 0.16 -19.82 25.36
C LEU E 37 -0.32 -21.01 24.51
N GLN E 38 -1.54 -21.49 24.75
CA GLN E 38 -2.15 -22.52 23.91
C GLN E 38 -3.58 -22.14 23.66
N SER E 39 -3.92 -21.83 22.44
CA SER E 39 -5.34 -21.66 22.19
C SER E 39 -5.80 -22.35 20.96
N MET E 40 -7.04 -22.82 21.02
CA MET E 40 -7.73 -23.24 19.82
C MET E 40 -8.28 -22.01 19.20
N ASP E 41 -8.34 -22.03 17.88
CA ASP E 41 -9.14 -21.04 17.17
C ASP E 41 -10.58 -21.36 17.48
N SER E 42 -11.41 -20.59 16.87
CA SER E 42 -12.75 -20.47 17.31
C SER E 42 -13.67 -21.64 16.86
N SER E 43 -13.35 -22.30 15.74
CA SER E 43 -14.06 -23.50 15.28
C SER E 43 -13.51 -24.77 15.93
N HIS E 44 -12.39 -24.63 16.60
CA HIS E 44 -11.78 -25.76 17.24
C HIS E 44 -11.11 -26.65 16.22
N VAL E 45 -11.01 -26.17 15.00
CA VAL E 45 -10.41 -26.97 13.97
C VAL E 45 -8.90 -26.80 13.93
N SER E 46 -8.39 -25.79 14.60
CA SER E 46 -6.94 -25.50 14.65
C SER E 46 -6.48 -24.94 16.01
N LEU E 47 -5.20 -25.06 16.30
CA LEU E 47 -4.72 -24.70 17.64
C LEU E 47 -3.31 -24.12 17.57
N VAL E 48 -3.04 -23.09 18.36
CA VAL E 48 -1.68 -22.56 18.44
C VAL E 48 -1.10 -22.78 19.78
N GLN E 49 0.22 -22.92 19.83
CA GLN E 49 0.88 -23.27 21.08
C GLN E 49 2.22 -22.62 21.05
N LEU E 50 2.42 -21.68 21.98
CA LEU E 50 3.60 -20.84 22.00
C LEU E 50 4.42 -21.22 23.21
N THR E 51 5.72 -21.27 23.03
CA THR E 51 6.59 -21.37 24.18
C THR E 51 7.65 -20.29 24.13
N LEU E 52 7.73 -19.46 25.19
CA LEU E 52 8.94 -18.65 25.37
C LEU E 52 9.62 -19.01 26.68
N ARG E 53 10.78 -19.67 26.56
CA ARG E 53 11.63 -20.10 27.69
C ARG E 53 12.22 -18.94 28.48
N SER E 54 12.24 -19.04 29.79
CA SER E 54 12.88 -18.02 30.59
C SER E 54 14.30 -17.73 30.10
N GLU E 55 15.13 -18.76 30.02
CA GLU E 55 16.52 -18.60 29.59
C GLU E 55 16.57 -17.93 28.22
N GLY E 56 15.41 -17.62 27.67
CA GLY E 56 15.32 -16.98 26.36
C GLY E 56 15.33 -15.48 26.44
N PHE E 57 15.00 -14.95 27.59
CA PHE E 57 14.92 -13.52 27.70
C PHE E 57 16.26 -12.94 28.11
N ASP E 58 16.31 -11.63 28.25
CA ASP E 58 17.48 -10.95 28.72
C ASP E 58 17.36 -10.82 30.20
N THR E 59 16.17 -10.98 30.69
CA THR E 59 15.90 -10.71 32.06
C THR E 59 14.60 -11.36 32.39
N TYR E 60 14.57 -12.19 33.42
CA TYR E 60 13.31 -12.83 33.74
C TYR E 60 13.01 -13.03 35.25
N ARG E 61 11.75 -12.79 35.60
CA ARG E 61 11.34 -12.62 36.98
C ARG E 61 9.90 -13.02 37.23
N CYS E 62 9.75 -13.99 38.11
CA CYS E 62 8.46 -14.59 38.38
C CYS E 62 8.43 -15.08 39.82
N ASP E 63 7.36 -14.76 40.53
CA ASP E 63 7.29 -15.08 41.94
C ASP E 63 5.99 -15.82 42.18
N ARG E 64 5.10 -15.81 41.20
CA ARG E 64 3.81 -16.47 41.34
C ARG E 64 3.24 -16.75 39.97
N ASN E 65 3.00 -18.03 39.68
CA ASN E 65 2.52 -18.41 38.37
C ASN E 65 1.34 -17.49 37.98
N LEU E 66 1.12 -17.27 36.68
CA LEU E 66 0.06 -16.38 36.24
C LEU E 66 -0.66 -16.88 34.97
N ALA E 67 -1.99 -16.85 34.98
CA ALA E 67 -2.77 -16.98 33.74
C ALA E 67 -3.39 -15.61 33.40
N MET E 68 -2.82 -14.92 32.43
CA MET E 68 -3.29 -13.58 32.12
C MET E 68 -4.23 -13.61 30.94
N GLY E 69 -5.43 -13.09 31.16
CA GLY E 69 -6.41 -13.03 30.11
C GLY E 69 -6.16 -11.84 29.22
N VAL E 70 -5.71 -12.12 28.00
CA VAL E 70 -5.30 -11.05 27.12
C VAL E 70 -6.15 -11.02 25.89
N ASN E 71 -6.60 -9.82 25.58
CA ASN E 71 -7.17 -9.50 24.29
C ASN E 71 -6.07 -9.33 23.24
N LEU E 72 -5.88 -10.28 22.34
CA LEU E 72 -4.75 -10.22 21.41
C LEU E 72 -4.81 -9.03 20.43
N THR E 73 -6.00 -8.73 19.96
CA THR E 73 -6.10 -7.60 19.06
C THR E 73 -5.48 -6.34 19.74
N SER E 74 -6.06 -5.93 20.88
CA SER E 74 -5.53 -4.85 21.72
C SER E 74 -3.99 -4.89 21.97
N MET E 75 -3.43 -6.07 22.19
CA MET E 75 -2.01 -6.17 22.49
C MET E 75 -1.17 -5.98 21.26
N SER E 76 -1.62 -6.47 20.11
CA SER E 76 -0.92 -6.20 18.84
C SER E 76 -1.01 -4.73 18.48
N LYS E 77 -2.19 -4.12 18.65
CA LYS E 77 -2.28 -2.68 18.49
C LYS E 77 -1.23 -1.98 19.38
N ILE E 78 -1.10 -2.34 20.64
CA ILE E 78 -0.09 -1.68 21.45
C ILE E 78 1.31 -2.02 20.98
N LEU E 79 1.54 -3.29 20.68
CA LEU E 79 2.85 -3.72 20.19
C LEU E 79 3.25 -3.06 18.86
N LYS E 80 2.23 -2.77 18.07
CA LYS E 80 2.42 -2.16 16.76
C LYS E 80 2.99 -0.78 17.01
N CYS E 81 3.05 -0.39 18.28
CA CYS E 81 3.60 0.89 18.59
C CYS E 81 5.09 0.82 18.89
N ALA E 82 5.72 -0.33 18.71
CA ALA E 82 7.10 -0.43 19.15
C ALA E 82 8.07 -0.23 18.01
N GLY E 83 9.23 0.33 18.31
CA GLY E 83 10.24 0.48 17.29
C GLY E 83 10.81 -0.89 17.03
N ASN E 84 11.06 -1.20 15.75
CA ASN E 84 11.66 -2.48 15.39
C ASN E 84 12.96 -2.72 16.19
N GLU E 85 13.51 -1.66 16.76
CA GLU E 85 14.76 -1.76 17.51
C GLU E 85 14.64 -1.32 18.96
N ASP E 86 13.44 -1.43 19.53
CA ASP E 86 13.25 -1.08 20.95
C ASP E 86 13.47 -2.24 21.92
N ILE E 87 13.98 -1.95 23.09
CA ILE E 87 13.98 -2.95 24.11
C ILE E 87 12.62 -2.93 24.75
N ILE E 88 12.02 -4.11 24.87
CA ILE E 88 10.67 -4.20 25.36
C ILE E 88 10.60 -5.00 26.59
N THR E 89 9.78 -4.58 27.53
CA THR E 89 9.70 -5.25 28.80
C THR E 89 8.25 -5.38 29.25
N LEU E 90 7.88 -6.63 29.45
CA LEU E 90 6.59 -6.99 30.02
C LEU E 90 6.67 -6.99 31.52
N ARG E 91 5.73 -6.32 32.16
CA ARG E 91 5.69 -6.28 33.61
C ARG E 91 4.26 -6.43 34.00
N ALA E 92 4.01 -7.14 35.09
CA ALA E 92 2.69 -7.20 35.68
C ALA E 92 2.83 -7.53 37.16
N GLU E 93 1.84 -7.09 37.93
CA GLU E 93 1.74 -7.37 39.37
C GLU E 93 0.84 -8.58 39.53
N ASP E 94 0.94 -9.21 40.69
CA ASP E 94 0.01 -10.28 41.05
C ASP E 94 -1.39 -9.71 41.18
N ASN E 95 -1.48 -8.48 41.71
CA ASN E 95 -2.79 -7.91 41.89
C ASN E 95 -3.37 -8.42 40.64
N ALA E 96 -3.07 -7.67 39.58
CA ALA E 96 -3.17 -8.16 38.22
C ALA E 96 -4.47 -7.76 37.56
N ASP E 97 -4.54 -6.59 36.95
CA ASP E 97 -5.72 -6.28 36.17
C ASP E 97 -5.20 -5.39 35.11
N THR E 98 -4.04 -5.77 34.58
CA THR E 98 -3.16 -4.75 34.02
C THR E 98 -1.76 -5.27 33.77
N LEU E 99 -1.43 -5.49 32.51
CA LEU E 99 -0.12 -5.86 32.12
C LEU E 99 0.54 -4.67 31.47
N ALA E 100 1.72 -4.33 31.95
CA ALA E 100 2.51 -3.25 31.40
C ALA E 100 3.43 -3.69 30.25
N LEU E 101 3.64 -2.75 29.34
CA LEU E 101 4.52 -2.92 28.21
C LEU E 101 5.33 -1.66 28.04
N VAL E 102 6.64 -1.83 27.92
CA VAL E 102 7.53 -0.70 27.99
C VAL E 102 8.49 -0.79 26.84
N PHE E 103 8.68 0.35 26.17
CA PHE E 103 9.44 0.37 24.97
C PHE E 103 10.47 1.39 25.21
N GLU E 104 11.75 1.01 25.26
CA GLU E 104 12.80 1.97 25.54
C GLU E 104 13.76 2.06 24.36
N ALA E 105 13.92 3.26 23.81
CA ALA E 105 14.82 3.44 22.68
C ALA E 105 16.21 3.11 23.19
N PRO E 106 17.06 2.55 22.30
CA PRO E 106 18.42 2.10 22.59
C PRO E 106 19.36 3.22 23.00
N ASN E 107 18.85 4.44 23.14
CA ASN E 107 19.65 5.53 23.75
C ASN E 107 19.10 5.94 25.12
N GLN E 108 18.09 5.23 25.60
CA GLN E 108 17.41 5.59 26.84
C GLN E 108 16.85 7.01 26.80
N GLU E 109 16.48 7.50 25.62
CA GLU E 109 15.90 8.87 25.49
C GLU E 109 14.37 8.89 25.30
N LYS E 110 13.88 7.98 24.47
CA LYS E 110 12.46 7.75 24.35
C LYS E 110 12.10 6.46 25.13
N VAL E 111 10.98 6.50 25.81
CA VAL E 111 10.54 5.39 26.60
C VAL E 111 9.03 5.43 26.66
N SER E 112 8.39 4.36 26.26
CA SER E 112 6.97 4.32 26.27
C SER E 112 6.46 3.37 27.33
N ASP E 113 5.32 3.73 27.91
CA ASP E 113 4.64 2.88 28.83
C ASP E 113 3.20 2.72 28.45
N TYR E 114 2.85 1.52 28.08
CA TYR E 114 1.52 1.25 27.64
C TYR E 114 1.07 0.20 28.59
N GLU E 115 0.05 0.47 29.36
CA GLU E 115 -0.35 -0.53 30.25
C GLU E 115 -1.76 -0.97 29.99
N MET E 116 -1.90 -2.29 29.85
CA MET E 116 -3.05 -2.92 29.18
C MET E 116 -4.06 -3.55 30.14
N LYS E 117 -5.26 -2.97 30.21
CA LYS E 117 -6.41 -3.61 30.91
C LYS E 117 -6.43 -5.08 30.55
N LEU E 118 -6.58 -5.96 31.54
CA LEU E 118 -6.48 -7.40 31.28
C LEU E 118 -7.84 -7.93 31.05
N MET E 119 -8.02 -9.20 31.30
CA MET E 119 -9.30 -9.84 31.01
C MET E 119 -9.47 -11.10 31.87
N ASP E 120 -10.61 -11.75 31.74
CA ASP E 120 -10.87 -13.02 32.43
C ASP E 120 -11.56 -14.03 31.51
N LEU E 121 -10.95 -15.20 31.31
CA LEU E 121 -11.61 -16.25 30.52
C LEU E 121 -11.30 -17.68 30.94
N ASP E 122 -12.27 -18.54 30.67
CA ASP E 122 -12.09 -19.98 30.72
C ASP E 122 -11.69 -20.36 29.31
N VAL E 123 -10.77 -21.30 29.18
CA VAL E 123 -10.13 -21.56 27.90
C VAL E 123 -9.75 -23.06 27.86
N GLU E 124 -10.37 -23.80 26.94
CA GLU E 124 -10.15 -25.23 26.86
C GLU E 124 -8.73 -25.53 26.39
N GLN E 125 -7.86 -25.90 27.33
CA GLN E 125 -6.49 -26.20 26.99
C GLN E 125 -6.63 -27.61 26.47
N LEU E 126 -5.53 -28.20 26.02
CA LEU E 126 -5.64 -29.51 25.38
C LEU E 126 -4.41 -30.38 25.67
N GLY E 127 -4.62 -31.66 25.93
CA GLY E 127 -3.50 -32.57 26.15
C GLY E 127 -2.86 -33.03 24.86
N ILE E 128 -1.56 -32.88 24.79
CA ILE E 128 -0.85 -33.01 23.56
C ILE E 128 0.43 -33.82 23.78
N PRO E 129 0.31 -35.14 23.74
CA PRO E 129 1.40 -36.01 24.12
C PRO E 129 2.55 -35.87 23.16
N GLU E 130 3.78 -35.94 23.69
CA GLU E 130 4.97 -36.01 22.83
C GLU E 130 4.78 -37.20 21.90
N GLN E 131 4.95 -36.99 20.59
CA GLN E 131 4.77 -38.07 19.62
C GLN E 131 5.69 -38.03 18.38
N GLU E 132 5.96 -39.21 17.82
CA GLU E 132 6.72 -39.32 16.59
C GLU E 132 5.79 -39.07 15.41
N TYR E 133 6.35 -38.64 14.29
CA TYR E 133 5.55 -38.32 13.16
C TYR E 133 6.05 -39.18 12.06
N SER E 134 5.16 -39.77 11.27
CA SER E 134 5.63 -40.73 10.30
C SER E 134 6.28 -40.07 9.08
N CYS E 135 6.56 -38.78 9.18
CA CYS E 135 7.17 -38.06 8.07
C CYS E 135 7.28 -36.60 8.40
N VAL E 136 8.43 -36.00 8.10
CA VAL E 136 8.63 -34.58 8.45
C VAL E 136 9.40 -33.74 7.41
N VAL E 137 8.90 -32.53 7.13
CA VAL E 137 9.51 -31.70 6.11
C VAL E 137 10.08 -30.38 6.67
N LYS E 138 11.38 -30.12 6.42
CA LYS E 138 11.98 -28.77 6.61
C LYS E 138 11.92 -28.08 5.29
N MET E 139 11.80 -26.77 5.32
CA MET E 139 11.49 -25.94 4.16
C MET E 139 11.72 -24.50 4.53
N PRO E 140 12.03 -23.67 3.57
CA PRO E 140 12.02 -22.24 3.79
C PRO E 140 10.66 -21.65 4.17
N SER E 141 10.64 -20.90 5.26
CA SER E 141 9.44 -20.21 5.63
C SER E 141 8.76 -19.65 4.41
N GLY E 142 9.50 -18.84 3.67
CA GLY E 142 8.93 -18.10 2.54
C GLY E 142 8.29 -19.01 1.51
N GLU E 143 8.96 -20.09 1.19
CA GLU E 143 8.47 -20.92 0.16
C GLU E 143 7.21 -21.59 0.57
N PHE E 144 7.05 -21.83 1.85
CA PHE E 144 5.82 -22.46 2.27
C PHE E 144 4.66 -21.48 2.17
N ALA E 145 4.96 -20.21 2.33
CA ALA E 145 3.88 -19.28 2.42
C ALA E 145 3.35 -18.96 1.01
N ARG E 146 4.26 -18.86 0.06
CA ARG E 146 3.85 -18.64 -1.32
C ARG E 146 3.09 -19.84 -1.84
N ILE E 147 3.62 -21.02 -1.57
CA ILE E 147 2.90 -22.19 -1.88
C ILE E 147 1.51 -22.15 -1.32
N CYS E 148 1.29 -21.77 -0.08
CA CYS E 148 -0.08 -21.68 0.37
C CYS E 148 -0.84 -20.47 -0.26
N ARG E 149 -0.13 -19.38 -0.51
CA ARG E 149 -0.78 -18.22 -1.10
C ARG E 149 -1.29 -18.65 -2.47
N ASP E 150 -0.33 -18.88 -3.35
CA ASP E 150 -0.55 -19.54 -4.64
C ASP E 150 -1.78 -20.41 -4.67
N LEU E 151 -1.68 -21.51 -3.93
CA LEU E 151 -2.58 -22.60 -4.17
C LEU E 151 -4.00 -22.18 -3.81
N SER E 152 -4.13 -21.22 -2.88
CA SER E 152 -5.46 -20.84 -2.42
C SER E 152 -6.19 -19.97 -3.44
N HIS E 153 -5.47 -19.48 -4.45
CA HIS E 153 -6.13 -18.86 -5.64
C HIS E 153 -6.70 -19.84 -6.65
N ILE E 154 -6.44 -21.14 -6.48
CA ILE E 154 -6.98 -22.21 -7.34
C ILE E 154 -8.10 -23.01 -6.65
N GLY E 155 -7.88 -23.26 -5.37
CA GLY E 155 -8.73 -24.13 -4.59
C GLY E 155 -8.61 -23.74 -3.14
N ASP E 156 -9.28 -24.48 -2.27
CA ASP E 156 -9.41 -24.05 -0.90
C ASP E 156 -8.84 -25.06 0.10
N ALA E 157 -8.13 -26.04 -0.40
CA ALA E 157 -7.46 -26.98 0.46
C ALA E 157 -6.24 -27.55 -0.28
N VAL E 158 -5.30 -28.11 0.46
CA VAL E 158 -4.12 -28.56 -0.23
C VAL E 158 -3.84 -30.01 0.14
N VAL E 159 -3.69 -30.87 -0.86
CA VAL E 159 -3.27 -32.18 -0.57
C VAL E 159 -1.80 -32.07 -0.50
N ILE E 160 -1.26 -32.40 0.66
CA ILE E 160 0.17 -32.44 0.90
C ILE E 160 0.55 -33.85 0.87
N SER E 161 1.35 -34.18 -0.10
CA SER E 161 1.67 -35.52 -0.38
C SER E 161 3.14 -35.66 -0.26
N CYS E 162 3.55 -36.64 0.54
CA CYS E 162 4.95 -36.79 0.91
C CYS E 162 5.58 -38.04 0.35
N ALA E 163 6.84 -37.90 -0.07
CA ALA E 163 7.64 -39.03 -0.58
C ALA E 163 9.07 -38.97 -0.06
N LYS E 164 9.85 -40.02 -0.34
CA LYS E 164 11.22 -40.10 0.13
C LYS E 164 12.15 -39.35 -0.81
N ASP E 165 11.68 -38.23 -1.35
CA ASP E 165 12.47 -37.47 -2.31
C ASP E 165 11.57 -36.50 -3.07
N GLY E 166 10.62 -35.89 -2.36
CA GLY E 166 9.65 -35.02 -2.99
C GLY E 166 8.48 -34.73 -2.08
N VAL E 167 8.05 -33.49 -2.04
CA VAL E 167 6.78 -33.20 -1.43
C VAL E 167 5.98 -32.46 -2.49
N LYS E 168 4.69 -32.76 -2.58
CA LYS E 168 3.89 -32.19 -3.61
C LYS E 168 2.69 -31.53 -2.96
N PHE E 169 2.43 -30.28 -3.23
CA PHE E 169 1.21 -29.69 -2.73
C PHE E 169 0.31 -29.51 -3.94
N SER E 170 -0.95 -29.88 -3.78
CA SER E 170 -1.92 -29.84 -4.88
C SER E 170 -3.24 -29.27 -4.44
N ALA E 171 -3.91 -28.57 -5.36
CA ALA E 171 -5.23 -27.99 -5.10
C ALA E 171 -6.09 -28.05 -6.33
N SER E 172 -7.38 -27.83 -6.13
CA SER E 172 -8.38 -28.17 -7.10
C SER E 172 -9.52 -27.19 -7.02
N GLY E 173 -10.11 -26.78 -8.15
CA GLY E 173 -11.14 -25.73 -8.11
C GLY E 173 -11.90 -25.40 -9.38
N GLU E 174 -12.84 -24.47 -9.23
CA GLU E 174 -13.66 -24.00 -10.32
C GLU E 174 -12.85 -23.54 -11.53
N LEU E 175 -11.63 -23.06 -11.34
CA LEU E 175 -10.92 -22.54 -12.54
C LEU E 175 -10.00 -23.60 -13.16
N GLY E 176 -9.85 -24.69 -12.40
CA GLY E 176 -9.03 -25.83 -12.81
C GLY E 176 -8.20 -26.37 -11.65
N ASN E 177 -7.00 -26.82 -11.90
CA ASN E 177 -6.22 -27.33 -10.82
C ASN E 177 -4.72 -27.16 -10.92
N GLY E 178 -4.08 -27.31 -9.78
CA GLY E 178 -2.67 -27.06 -9.72
C GLY E 178 -1.95 -27.91 -8.71
N ASN E 179 -0.67 -28.14 -9.00
CA ASN E 179 0.26 -28.71 -8.05
C ASN E 179 1.74 -28.30 -8.21
N ILE E 180 2.48 -28.42 -7.10
CA ILE E 180 3.80 -27.85 -6.97
C ILE E 180 4.72 -28.87 -6.36
N LYS E 181 5.73 -29.33 -7.07
CA LYS E 181 6.53 -30.45 -6.55
C LYS E 181 7.92 -29.98 -6.01
N LEU E 182 8.26 -30.40 -4.81
CA LEU E 182 9.47 -29.96 -4.18
C LEU E 182 10.38 -31.14 -3.89
N SER E 183 11.49 -31.19 -4.62
CA SER E 183 12.51 -32.21 -4.44
C SER E 183 13.73 -31.58 -3.82
N ALA E 194 17.43 -25.62 1.16
CA ALA E 194 17.15 -26.10 2.49
C ALA E 194 15.86 -26.94 2.61
N VAL E 195 15.57 -27.84 1.66
CA VAL E 195 14.34 -28.71 1.72
C VAL E 195 14.58 -30.16 2.12
N THR E 196 14.16 -30.53 3.31
CA THR E 196 14.46 -31.87 3.74
C THR E 196 13.34 -32.65 4.40
N ILE E 197 13.25 -33.89 3.96
CA ILE E 197 12.22 -34.84 4.31
C ILE E 197 12.83 -35.99 5.11
N GLU E 198 12.31 -36.24 6.31
CA GLU E 198 12.77 -37.37 7.11
C GLU E 198 11.57 -38.26 7.32
N MET E 199 11.46 -39.33 6.53
CA MET E 199 10.18 -39.97 6.42
C MET E 199 10.24 -41.44 6.75
N ASN E 200 9.71 -41.76 7.91
CA ASN E 200 9.63 -43.13 8.37
C ASN E 200 8.62 -43.94 7.52
N GLU E 201 7.65 -43.24 6.90
CA GLU E 201 6.78 -43.84 5.83
C GLU E 201 5.90 -42.80 5.10
N PRO E 202 5.55 -43.05 3.82
CA PRO E 202 4.78 -42.10 3.00
C PRO E 202 3.52 -41.53 3.69
N VAL E 203 3.11 -40.32 3.34
CA VAL E 203 1.88 -39.77 3.89
C VAL E 203 1.28 -38.73 2.98
N GLN E 204 -0.03 -38.83 2.73
CA GLN E 204 -0.79 -37.85 1.92
C GLN E 204 -2.03 -37.35 2.68
N LEU E 205 -2.17 -36.04 2.83
CA LEU E 205 -3.28 -35.55 3.59
C LEU E 205 -3.72 -34.20 3.10
N THR E 206 -4.93 -33.77 3.45
CA THR E 206 -5.57 -32.63 2.81
C THR E 206 -5.95 -31.65 3.89
N PHE E 207 -5.53 -30.40 3.71
CA PHE E 207 -5.79 -29.35 4.70
C PHE E 207 -6.39 -28.14 4.05
N ALA E 208 -7.11 -27.42 4.89
CA ALA E 208 -7.80 -26.18 4.58
C ALA E 208 -6.84 -25.03 4.42
N LEU E 209 -6.90 -24.32 3.31
CA LEU E 209 -5.89 -23.30 3.07
C LEU E 209 -6.10 -22.02 3.88
N ARG E 210 -7.27 -21.86 4.41
CA ARG E 210 -7.55 -20.72 5.25
C ARG E 210 -6.64 -20.80 6.45
N TYR E 211 -6.67 -21.93 7.12
CA TYR E 211 -5.96 -22.00 8.37
C TYR E 211 -4.50 -21.96 8.14
N LEU E 212 -4.07 -22.68 7.14
CA LEU E 212 -2.69 -22.61 6.79
C LEU E 212 -2.32 -21.20 6.49
N ASN E 213 -3.20 -20.42 5.90
CA ASN E 213 -2.79 -19.09 5.54
C ASN E 213 -2.71 -18.19 6.76
N PHE E 214 -3.33 -18.57 7.86
CA PHE E 214 -3.07 -17.80 9.09
C PHE E 214 -1.69 -18.17 9.66
N PHE E 215 -1.38 -19.47 9.65
CA PHE E 215 -0.18 -19.95 10.28
C PHE E 215 1.00 -19.25 9.59
N THR E 216 1.04 -19.28 8.27
CA THR E 216 2.21 -18.76 7.61
C THR E 216 2.63 -17.36 8.04
N LYS E 217 1.81 -16.72 8.84
CA LYS E 217 2.06 -15.40 9.38
C LYS E 217 3.19 -15.35 10.35
N ALA E 218 3.50 -16.47 10.94
CA ALA E 218 4.54 -16.59 11.95
C ALA E 218 5.81 -16.50 11.16
N THR E 219 5.61 -16.31 9.87
CA THR E 219 6.65 -16.57 8.87
C THR E 219 7.85 -15.65 9.07
N PRO E 220 7.57 -14.46 9.57
CA PRO E 220 8.63 -13.51 9.91
C PRO E 220 9.40 -13.89 11.18
N LEU E 221 9.06 -14.98 11.86
CA LEU E 221 9.81 -15.31 13.08
C LEU E 221 10.98 -16.19 12.83
N SER E 222 11.08 -16.76 11.64
CA SER E 222 12.07 -17.84 11.37
C SER E 222 12.20 -17.99 9.86
N SER E 223 13.32 -18.51 9.42
CA SER E 223 13.57 -18.59 8.02
C SER E 223 13.33 -19.99 7.54
N THR E 224 12.95 -20.87 8.46
CA THR E 224 12.68 -22.27 8.19
C THR E 224 11.35 -22.65 8.75
N VAL E 225 10.62 -23.56 8.12
CA VAL E 225 9.41 -24.13 8.76
C VAL E 225 9.39 -25.68 8.59
N THR E 226 8.84 -26.37 9.58
CA THR E 226 8.71 -27.79 9.47
C THR E 226 7.25 -28.12 9.49
N LEU E 227 6.90 -29.15 8.75
CA LEU E 227 5.55 -29.64 8.71
C LEU E 227 5.63 -31.05 9.16
N SER E 228 4.86 -31.34 10.19
CA SER E 228 4.85 -32.70 10.71
C SER E 228 3.48 -33.33 10.55
N MET E 229 3.44 -34.55 10.00
CA MET E 229 2.14 -35.20 9.82
C MET E 229 2.16 -36.69 9.80
N SER E 230 1.01 -37.28 10.17
CA SER E 230 0.71 -38.74 9.98
C SER E 230 -0.80 -39.07 9.75
N ALA E 231 -1.07 -40.26 9.21
CA ALA E 231 -2.42 -40.72 8.92
C ALA E 231 -3.35 -40.28 10.04
N ASP E 232 -4.39 -39.54 9.69
CA ASP E 232 -5.42 -39.15 10.70
C ASP E 232 -4.83 -38.70 12.07
N VAL E 233 -3.92 -37.73 12.03
CA VAL E 233 -3.62 -36.90 13.19
C VAL E 233 -3.24 -35.51 12.71
N PRO E 234 -3.63 -34.50 13.47
CA PRO E 234 -3.51 -33.18 12.93
C PRO E 234 -2.12 -32.87 12.36
N LEU E 235 -2.10 -32.01 11.37
CA LEU E 235 -0.87 -31.54 10.82
C LEU E 235 -0.20 -30.64 11.84
N VAL E 236 1.12 -30.70 11.97
CA VAL E 236 1.78 -29.68 12.77
C VAL E 236 2.72 -28.80 11.98
N VAL E 237 2.56 -27.49 12.15
CA VAL E 237 3.47 -26.57 11.54
C VAL E 237 4.16 -25.72 12.55
N GLU E 238 5.47 -25.85 12.55
CA GLU E 238 6.34 -25.31 13.58
C GLU E 238 7.30 -24.25 13.08
N TYR E 239 7.26 -23.12 13.77
CA TYR E 239 8.19 -22.04 13.54
C TYR E 239 9.02 -21.84 14.81
N LYS E 240 10.30 -22.15 14.70
CA LYS E 240 11.20 -22.12 15.84
C LYS E 240 11.77 -20.73 16.05
N ILE E 241 11.48 -20.14 17.21
CA ILE E 241 11.98 -18.81 17.52
C ILE E 241 13.39 -18.85 18.13
N ALA E 242 14.37 -18.46 17.33
CA ALA E 242 15.79 -18.57 17.70
C ALA E 242 16.12 -18.60 19.19
N ASP E 243 16.74 -19.72 19.58
CA ASP E 243 17.23 -19.93 20.93
C ASP E 243 16.30 -19.23 21.91
N MET E 244 15.07 -19.71 21.97
CA MET E 244 14.06 -19.09 22.77
C MET E 244 12.80 -19.91 22.88
N GLY E 245 12.44 -20.61 21.82
CA GLY E 245 11.25 -21.48 21.85
C GLY E 245 10.58 -21.70 20.50
N HIS E 246 9.26 -21.58 20.48
CA HIS E 246 8.53 -21.81 19.24
C HIS E 246 7.08 -21.40 19.29
N LEU E 247 6.59 -21.29 18.07
CA LEU E 247 5.18 -21.27 17.72
C LEU E 247 4.92 -22.57 16.96
N LYS E 248 3.93 -23.37 17.39
CA LYS E 248 3.54 -24.60 16.69
C LYS E 248 2.06 -24.49 16.51
N TYR E 249 1.61 -24.79 15.30
CA TYR E 249 0.20 -24.73 14.94
C TYR E 249 -0.29 -26.13 14.59
N TYR E 250 -1.52 -26.47 14.96
CA TYR E 250 -2.07 -27.81 14.67
C TYR E 250 -3.28 -27.67 13.81
N LEU E 251 -3.44 -28.54 12.80
CA LEU E 251 -4.55 -28.43 11.89
C LEU E 251 -5.14 -29.80 11.61
N ALA E 252 -6.43 -30.02 11.89
CA ALA E 252 -7.02 -31.34 11.64
C ALA E 252 -7.20 -31.54 10.14
N PRO E 253 -6.89 -32.74 9.65
CA PRO E 253 -6.88 -33.10 8.25
C PRO E 253 -8.29 -33.06 7.71
N LYS E 254 -8.46 -32.82 6.42
CA LYS E 254 -9.80 -32.70 5.95
C LYS E 254 -10.36 -34.10 5.84
N ILE E 255 -11.66 -34.24 6.06
CA ILE E 255 -12.32 -35.53 6.10
C ILE E 255 -13.48 -35.68 5.12
N GLU E 256 -13.71 -36.90 4.66
CA GLU E 256 -14.90 -37.20 3.86
C GLU E 256 -16.24 -36.72 4.47
N ASP E 257 -17.02 -36.02 3.64
CA ASP E 257 -18.27 -35.39 4.01
C ASP E 257 -19.43 -36.30 3.79
N GLY F 8 -15.76 -29.87 6.13
CA GLY F 8 -15.02 -31.12 5.80
C GLY F 8 -13.93 -31.37 6.82
N MET F 9 -14.12 -30.90 8.04
CA MET F 9 -13.11 -31.14 9.04
C MET F 9 -13.72 -31.52 10.33
N GLN F 10 -12.84 -31.95 11.20
CA GLN F 10 -13.20 -32.51 12.43
C GLN F 10 -12.50 -31.62 13.45
N THR F 11 -13.03 -31.60 14.68
CA THR F 11 -12.53 -30.78 15.80
C THR F 11 -11.37 -31.44 16.51
N LEU F 12 -10.47 -30.64 17.09
CA LEU F 12 -9.24 -31.23 17.68
C LEU F 12 -9.50 -31.99 18.98
N GLU F 13 -10.63 -31.71 19.61
CA GLU F 13 -11.09 -32.51 20.72
C GLU F 13 -11.25 -33.96 20.28
N SER F 14 -11.49 -34.19 19.00
CA SER F 14 -11.51 -35.58 18.53
C SER F 14 -10.18 -36.26 18.78
N PHE F 15 -9.09 -35.50 18.73
CA PHE F 15 -7.74 -36.07 18.61
C PHE F 15 -6.92 -35.92 19.85
N PHE F 16 -7.11 -34.81 20.52
CA PHE F 16 -6.43 -34.54 21.77
C PHE F 16 -7.49 -34.43 22.87
N LYS F 17 -7.15 -34.89 24.06
CA LYS F 17 -8.09 -34.90 25.15
C LYS F 17 -8.03 -33.54 25.82
N PRO F 18 -9.16 -32.91 26.02
CA PRO F 18 -9.14 -31.73 26.88
C PRO F 18 -8.09 -31.78 27.98
#